data_5RB1
#
_entry.id   5RB1
#
_cell.length_a   57.650
_cell.length_b   93.860
_cell.length_c   93.190
_cell.angle_alpha   90.000
_cell.angle_beta   107.840
_cell.angle_gamma   90.000
#
_symmetry.space_group_name_H-M   'P 1 21 1'
#
loop_
_entity.id
_entity.type
_entity.pdbx_description
1 polymer 'Lysine-specific demethylase 3B'
2 non-polymer ~{N}2-pyridin-2-ylbenzene-1,2-diamine
3 non-polymer 'CHLORIDE ION'
4 non-polymer 'MANGANESE (II) ION'
5 water water
#
_entity_poly.entity_id   1
_entity_poly.type   'polypeptide(L)'
_entity_poly.pdbx_seq_one_letter_code
;MHHHHHHSSGVDLGTENLYFQSMTSHSWLCDGRLLCLHDPSNKNNWKIFRECWKQGQPVLVSGVHKKLKSELWKPEAFSQ
EFGDQDVDLVNCRNCAIISDVKVRDFWDGFEIICKRLRSEDGQPMVLKLKDWPPGEDFRDMMPTRFEDLMENLPLPEYTK
RDGRLNLASRLPSYFVRPDLGPKMYNAYGLITAEDRRVGTTNLHLDVSDAVNVMVYVGIPIGEGAHDEEVLKTIDEGDAD
EVTKERIHDHKEKPGALWHIYAAKDAEKIRELLRKVGEEQGQENPPDHDPIHDQSWYLDQTLRKRLYEEYGVQGWAIVQF
LGDAVFIPAGAPHQVHNLYSCIKVAEDFVSPEHVKHCFRLTQEFRHLSNTHT
;
_entity_poly.pdbx_strand_id   A,B
#
# COMPACT_ATOMS: atom_id res chain seq x y z
N SER A 22 2.68 -49.68 -12.81
CA SER A 22 1.18 -49.58 -12.65
C SER A 22 0.79 -48.12 -12.32
N MET A 23 -0.28 -47.65 -12.97
N MET A 23 -0.29 -47.63 -12.93
CA MET A 23 -1.00 -46.40 -12.63
CA MET A 23 -0.88 -46.29 -12.66
C MET A 23 -1.36 -46.43 -11.13
C MET A 23 -1.47 -46.30 -11.24
N THR A 24 -1.03 -45.37 -10.39
CA THR A 24 -1.46 -45.23 -8.98
C THR A 24 -2.03 -43.82 -8.74
N SER A 25 -2.89 -43.70 -7.74
CA SER A 25 -3.58 -42.44 -7.36
C SER A 25 -2.52 -41.40 -6.88
N HIS A 26 -1.46 -41.82 -6.17
CA HIS A 26 -0.52 -40.89 -5.50
C HIS A 26 0.72 -41.64 -5.02
N SER A 27 1.70 -40.87 -4.59
CA SER A 27 2.95 -41.31 -3.94
C SER A 27 3.43 -40.20 -3.02
N TRP A 28 4.59 -40.42 -2.37
CA TRP A 28 5.13 -39.48 -1.36
C TRP A 28 6.53 -39.02 -1.81
N LEU A 29 6.83 -37.75 -1.58
CA LEU A 29 8.20 -37.22 -1.74
C LEU A 29 8.65 -36.69 -0.38
N CYS A 30 9.85 -36.10 -0.33
CA CYS A 30 10.38 -35.54 0.93
C CYS A 30 10.30 -36.61 2.05
N ASP A 31 10.62 -37.86 1.73
CA ASP A 31 10.65 -38.97 2.72
C ASP A 31 9.30 -39.13 3.44
N GLY A 32 8.16 -39.00 2.74
CA GLY A 32 6.80 -39.17 3.29
C GLY A 32 6.12 -37.88 3.71
N ARG A 33 6.85 -36.75 3.68
CA ARG A 33 6.33 -35.46 4.22
C ARG A 33 5.55 -34.66 3.13
N LEU A 34 5.59 -35.05 1.85
CA LEU A 34 4.92 -34.30 0.74
C LEU A 34 4.04 -35.25 -0.08
N LEU A 35 2.72 -34.99 -0.17
CA LEU A 35 1.78 -35.68 -1.08
C LEU A 35 2.12 -35.33 -2.53
N CYS A 36 2.24 -36.36 -3.39
N CYS A 36 2.14 -36.36 -3.39
CA CYS A 36 2.32 -36.23 -4.87
CA CYS A 36 2.28 -36.25 -4.86
C CYS A 36 1.13 -36.93 -5.54
C CYS A 36 1.12 -36.94 -5.56
N LEU A 37 0.16 -36.15 -6.05
CA LEU A 37 -1.01 -36.69 -6.78
C LEU A 37 -0.61 -36.93 -8.24
N HIS A 38 -1.07 -38.03 -8.86
CA HIS A 38 -0.53 -38.44 -10.19
C HIS A 38 -1.44 -38.03 -11.35
N ASP A 39 -2.72 -37.92 -11.12
CA ASP A 39 -3.75 -37.62 -12.15
C ASP A 39 -4.37 -36.26 -11.85
N PRO A 40 -4.05 -35.22 -12.64
CA PRO A 40 -4.51 -33.88 -12.31
C PRO A 40 -6.03 -33.61 -12.34
N SER A 41 -6.84 -34.44 -13.02
CA SER A 41 -8.27 -34.13 -13.25
C SER A 41 -9.21 -35.11 -12.52
N ASN A 42 -8.66 -35.99 -11.67
CA ASN A 42 -9.47 -37.05 -11.03
C ASN A 42 -10.40 -36.44 -9.98
N LYS A 43 -11.71 -36.72 -10.09
CA LYS A 43 -12.78 -36.20 -9.18
C LYS A 43 -12.56 -36.66 -7.73
N ASN A 44 -11.70 -37.67 -7.51
CA ASN A 44 -11.44 -38.28 -6.16
C ASN A 44 -10.24 -37.60 -5.46
N ASN A 45 -9.52 -36.69 -6.11
CA ASN A 45 -8.27 -36.08 -5.55
C ASN A 45 -8.51 -35.42 -4.19
N TRP A 46 -9.62 -34.71 -4.01
CA TRP A 46 -9.94 -33.97 -2.77
C TRP A 46 -9.83 -34.88 -1.54
N LYS A 47 -10.25 -36.14 -1.65
CA LYS A 47 -10.26 -37.09 -0.50
C LYS A 47 -8.87 -37.30 0.09
N ILE A 48 -7.82 -37.30 -0.73
CA ILE A 48 -6.38 -37.47 -0.34
C ILE A 48 -5.81 -36.10 0.06
N PHE A 49 -6.11 -35.09 -0.75
CA PHE A 49 -5.60 -33.70 -0.62
C PHE A 49 -5.96 -33.02 0.70
N ARG A 50 -7.22 -33.15 1.11
N ARG A 50 -7.21 -33.11 1.13
CA ARG A 50 -7.85 -32.27 2.14
CA ARG A 50 -7.75 -32.19 2.16
C ARG A 50 -7.19 -32.50 3.51
C ARG A 50 -7.13 -32.48 3.53
N GLU A 51 -6.78 -33.72 3.84
CA GLU A 51 -6.14 -33.99 5.16
C GLU A 51 -4.72 -33.39 5.21
N CYS A 52 -3.92 -33.55 4.14
CA CYS A 52 -2.57 -32.94 4.11
C CYS A 52 -2.68 -31.40 4.13
N TRP A 53 -3.61 -30.86 3.37
CA TRP A 53 -3.80 -29.39 3.25
C TRP A 53 -4.21 -28.80 4.62
N LYS A 54 -5.12 -29.46 5.36
CA LYS A 54 -5.60 -28.95 6.67
C LYS A 54 -4.41 -28.81 7.63
N GLN A 55 -3.37 -29.66 7.50
CA GLN A 55 -2.21 -29.64 8.39
C GLN A 55 -1.21 -28.58 7.97
N GLY A 56 -1.48 -27.81 6.92
CA GLY A 56 -0.57 -26.71 6.52
C GLY A 56 0.61 -27.18 5.68
N GLN A 57 0.51 -28.36 5.06
CA GLN A 57 1.57 -28.89 4.15
C GLN A 57 1.36 -28.39 2.72
N PRO A 58 2.44 -28.13 1.97
CA PRO A 58 2.32 -28.01 0.50
C PRO A 58 1.96 -29.36 -0.10
N VAL A 59 1.56 -29.37 -1.37
CA VAL A 59 1.14 -30.56 -2.14
C VAL A 59 1.66 -30.37 -3.58
N LEU A 60 2.14 -31.45 -4.20
CA LEU A 60 2.55 -31.44 -5.62
C LEU A 60 1.54 -32.23 -6.44
N VAL A 61 1.11 -31.73 -7.63
CA VAL A 61 0.30 -32.55 -8.58
C VAL A 61 1.05 -32.64 -9.91
N SER A 62 1.37 -33.86 -10.38
CA SER A 62 2.14 -34.01 -11.65
C SER A 62 1.17 -34.19 -12.83
N GLY A 63 1.66 -33.87 -14.04
CA GLY A 63 1.01 -34.28 -15.30
C GLY A 63 0.14 -33.22 -15.93
N VAL A 64 0.17 -31.96 -15.47
CA VAL A 64 -0.74 -30.90 -15.97
C VAL A 64 -0.37 -30.53 -17.43
N HIS A 65 0.89 -30.64 -17.81
CA HIS A 65 1.37 -30.37 -19.21
C HIS A 65 0.60 -31.20 -20.24
N LYS A 66 0.26 -32.45 -19.91
CA LYS A 66 -0.47 -33.38 -20.82
C LYS A 66 -1.92 -32.93 -21.04
N LYS A 67 -2.45 -31.99 -20.27
CA LYS A 67 -3.83 -31.46 -20.37
C LYS A 67 -3.88 -30.20 -21.24
N LEU A 68 -2.73 -29.56 -21.45
CA LEU A 68 -2.62 -28.20 -22.03
C LEU A 68 -2.36 -28.30 -23.54
N LYS A 69 -2.60 -27.23 -24.26
CA LYS A 69 -2.27 -27.10 -25.71
C LYS A 69 -0.84 -26.56 -25.80
N SER A 70 0.12 -27.45 -26.02
CA SER A 70 1.58 -27.19 -25.84
C SER A 70 2.03 -26.03 -26.75
N GLU A 71 1.35 -25.83 -27.89
CA GLU A 71 1.70 -24.74 -28.85
C GLU A 71 1.41 -23.35 -28.25
N LEU A 72 0.51 -23.21 -27.28
CA LEU A 72 0.19 -21.90 -26.65
C LEU A 72 1.27 -21.47 -25.64
N TRP A 73 2.21 -22.34 -25.26
CA TRP A 73 3.09 -22.07 -24.09
C TRP A 73 4.56 -22.04 -24.50
N LYS A 74 4.86 -21.67 -25.76
CA LYS A 74 6.25 -21.69 -26.31
C LYS A 74 6.82 -20.28 -26.25
N PRO A 75 8.11 -20.11 -25.90
CA PRO A 75 8.71 -18.77 -25.89
C PRO A 75 8.68 -18.04 -27.26
N GLU A 76 8.88 -18.77 -28.36
CA GLU A 76 8.83 -18.18 -29.74
C GLU A 76 7.46 -17.56 -30.05
N ALA A 77 6.34 -18.16 -29.60
CA ALA A 77 4.99 -17.59 -29.83
C ALA A 77 4.83 -16.30 -29.01
N PHE A 78 5.32 -16.26 -27.76
CA PHE A 78 5.19 -15.03 -26.94
C PHE A 78 6.00 -13.88 -27.59
N SER A 79 7.19 -14.16 -28.11
CA SER A 79 8.01 -13.14 -28.83
C SER A 79 7.28 -12.64 -30.09
N GLN A 80 6.75 -13.54 -30.91
CA GLN A 80 6.06 -13.20 -32.18
C GLN A 80 4.81 -12.36 -31.89
N GLU A 81 3.99 -12.73 -30.89
CA GLU A 81 2.67 -12.10 -30.66
C GLU A 81 2.81 -10.80 -29.87
N PHE A 82 3.78 -10.67 -28.95
CA PHE A 82 3.80 -9.60 -27.92
C PHE A 82 5.13 -8.85 -27.89
N GLY A 83 6.05 -9.15 -28.81
CA GLY A 83 7.47 -8.73 -28.76
C GLY A 83 7.69 -7.23 -28.68
N ASP A 84 6.73 -6.43 -29.20
CA ASP A 84 6.88 -4.95 -29.26
C ASP A 84 6.47 -4.23 -27.97
N GLN A 85 5.99 -4.93 -26.94
CA GLN A 85 5.63 -4.31 -25.65
C GLN A 85 6.87 -3.91 -24.87
N ASP A 86 6.78 -2.79 -24.15
CA ASP A 86 7.87 -2.25 -23.30
C ASP A 86 7.78 -2.85 -21.87
N VAL A 87 8.92 -3.21 -21.27
CA VAL A 87 8.94 -3.93 -19.98
C VAL A 87 10.21 -3.56 -19.26
N ASP A 88 10.30 -3.95 -17.99
CA ASP A 88 11.56 -3.96 -17.22
C ASP A 88 11.95 -5.41 -16.93
N LEU A 89 13.26 -5.66 -16.86
CA LEU A 89 13.85 -6.96 -16.50
C LEU A 89 14.60 -6.76 -15.19
N VAL A 90 14.89 -7.84 -14.49
CA VAL A 90 15.81 -7.84 -13.31
C VAL A 90 17.02 -8.74 -13.58
N ASN A 91 18.24 -8.24 -13.32
CA ASN A 91 19.45 -9.08 -13.32
C ASN A 91 19.44 -9.91 -12.02
N CYS A 92 19.17 -11.22 -12.09
CA CYS A 92 19.03 -12.07 -10.90
C CYS A 92 20.31 -12.07 -10.05
N ARG A 93 21.48 -11.85 -10.65
CA ARG A 93 22.79 -12.02 -9.94
C ARG A 93 23.02 -10.87 -8.95
N ASN A 94 22.53 -9.66 -9.23
CA ASN A 94 22.83 -8.45 -8.40
C ASN A 94 21.57 -7.62 -8.13
N CYS A 95 20.38 -8.04 -8.57
CA CYS A 95 19.08 -7.33 -8.37
C CYS A 95 18.98 -5.98 -9.12
N ALA A 96 19.90 -5.66 -10.04
CA ALA A 96 19.82 -4.44 -10.87
C ALA A 96 18.60 -4.52 -11.81
N ILE A 97 17.94 -3.38 -12.03
CA ILE A 97 16.77 -3.29 -12.94
C ILE A 97 17.23 -2.83 -14.32
N ILE A 98 16.82 -3.53 -15.38
CA ILE A 98 17.05 -3.08 -16.78
C ILE A 98 15.74 -2.46 -17.26
N SER A 99 15.70 -1.13 -17.37
CA SER A 99 14.47 -0.34 -17.60
C SER A 99 14.11 -0.20 -19.08
N ASP A 100 12.84 -0.37 -19.40
CA ASP A 100 12.16 0.11 -20.63
C ASP A 100 12.82 -0.50 -21.87
N VAL A 101 12.88 -1.84 -21.93
CA VAL A 101 13.34 -2.60 -23.11
C VAL A 101 12.13 -3.32 -23.72
N LYS A 102 12.26 -3.83 -24.93
CA LYS A 102 11.21 -4.59 -25.63
C LYS A 102 11.19 -6.00 -25.05
N VAL A 103 9.99 -6.55 -24.91
CA VAL A 103 9.82 -7.91 -24.35
C VAL A 103 10.50 -8.95 -25.26
N ARG A 104 10.62 -8.75 -26.58
CA ARG A 104 11.40 -9.70 -27.43
C ARG A 104 12.87 -9.77 -26.99
N ASP A 105 13.45 -8.75 -26.40
CA ASP A 105 14.88 -8.77 -25.95
C ASP A 105 15.07 -9.85 -24.86
N PHE A 106 14.03 -10.08 -24.06
CA PHE A 106 13.96 -11.18 -23.06
C PHE A 106 13.71 -12.51 -23.78
N TRP A 107 12.60 -12.62 -24.53
CA TRP A 107 12.16 -13.94 -25.06
C TRP A 107 13.17 -14.52 -26.07
N ASP A 108 13.86 -13.69 -26.88
CA ASP A 108 14.74 -14.20 -27.96
C ASP A 108 16.02 -14.83 -27.37
N GLY A 109 16.37 -14.47 -26.11
CA GLY A 109 17.48 -15.09 -25.37
C GLY A 109 17.04 -16.23 -24.42
N PHE A 110 15.79 -16.65 -24.43
CA PHE A 110 15.22 -17.59 -23.41
C PHE A 110 16.03 -18.90 -23.40
N GLU A 111 16.30 -19.44 -24.60
CA GLU A 111 17.03 -20.72 -24.79
C GLU A 111 18.34 -20.52 -25.54
N ILE A 112 18.49 -19.46 -26.34
CA ILE A 112 19.72 -19.30 -27.16
C ILE A 112 20.65 -18.34 -26.45
N ILE A 113 21.71 -18.86 -25.86
CA ILE A 113 22.57 -18.08 -24.94
C ILE A 113 23.25 -16.92 -25.70
N CYS A 114 23.66 -17.12 -26.98
CA CYS A 114 24.39 -16.12 -27.83
C CYS A 114 23.45 -14.94 -28.14
N LYS A 115 22.17 -15.00 -27.79
CA LYS A 115 21.25 -13.85 -28.02
C LYS A 115 20.95 -13.08 -26.73
N ARG A 116 21.49 -13.47 -25.57
CA ARG A 116 21.15 -12.76 -24.32
C ARG A 116 21.87 -11.43 -24.18
N LEU A 117 21.18 -10.45 -23.57
CA LEU A 117 21.79 -9.19 -23.11
C LEU A 117 23.00 -9.54 -22.23
N ARG A 118 24.09 -8.79 -22.38
CA ARG A 118 25.38 -9.07 -21.69
C ARG A 118 25.58 -8.01 -20.62
N SER A 119 26.15 -8.41 -19.48
CA SER A 119 26.62 -7.48 -18.44
C SER A 119 27.96 -6.87 -18.89
N GLU A 120 28.39 -5.82 -18.18
CA GLU A 120 29.67 -5.08 -18.43
C GLU A 120 30.87 -6.05 -18.47
N ASP A 121 30.86 -7.10 -17.66
CA ASP A 121 31.95 -8.10 -17.61
C ASP A 121 31.96 -8.94 -18.89
N GLY A 122 30.96 -8.77 -19.78
CA GLY A 122 30.84 -9.48 -21.07
C GLY A 122 30.18 -10.85 -20.99
N GLN A 123 29.64 -11.24 -19.82
CA GLN A 123 28.97 -12.57 -19.68
C GLN A 123 27.53 -12.42 -20.11
N PRO A 124 26.85 -13.49 -20.58
CA PRO A 124 25.41 -13.37 -20.74
C PRO A 124 24.67 -13.28 -19.37
N MET A 125 23.68 -12.40 -19.24
CA MET A 125 22.98 -12.19 -17.94
C MET A 125 21.91 -13.27 -17.72
N VAL A 126 21.65 -13.56 -16.43
CA VAL A 126 20.50 -14.38 -15.99
C VAL A 126 19.39 -13.40 -15.66
N LEU A 127 18.30 -13.38 -16.44
CA LEU A 127 17.28 -12.32 -16.34
C LEU A 127 15.93 -12.92 -15.93
N LYS A 128 15.18 -12.11 -15.20
CA LYS A 128 13.75 -12.27 -14.83
C LYS A 128 12.93 -11.17 -15.52
N LEU A 129 11.84 -11.53 -16.19
CA LEU A 129 10.87 -10.58 -16.77
C LEU A 129 9.87 -10.14 -15.67
N LYS A 130 9.92 -8.86 -15.31
CA LYS A 130 9.14 -8.27 -14.19
C LYS A 130 7.71 -7.97 -14.63
N ASP A 131 6.72 -8.40 -13.82
CA ASP A 131 5.30 -7.98 -13.92
C ASP A 131 4.76 -8.03 -15.36
N TRP A 132 4.75 -9.21 -16.00
CA TRP A 132 4.30 -9.38 -17.41
C TRP A 132 3.56 -10.69 -17.56
N PRO A 133 2.32 -10.69 -18.13
CA PRO A 133 1.53 -9.48 -18.35
C PRO A 133 1.29 -8.65 -17.09
N PRO A 134 1.17 -7.31 -17.20
CA PRO A 134 1.15 -6.43 -16.04
C PRO A 134 -0.19 -6.46 -15.27
N GLY A 135 -0.09 -6.32 -13.94
CA GLY A 135 -1.23 -6.29 -13.00
C GLY A 135 -2.18 -7.46 -13.23
N GLU A 136 -3.43 -7.14 -13.55
CA GLU A 136 -4.53 -8.14 -13.74
C GLU A 136 -4.79 -8.33 -15.23
N ASP A 137 -3.88 -7.96 -16.13
CA ASP A 137 -4.17 -7.92 -17.58
C ASP A 137 -4.03 -9.27 -18.27
N PHE A 138 -3.67 -10.37 -17.60
CA PHE A 138 -3.43 -11.69 -18.28
C PHE A 138 -4.65 -12.03 -19.13
N ARG A 139 -5.85 -11.97 -18.55
CA ARG A 139 -7.08 -12.47 -19.21
C ARG A 139 -7.39 -11.66 -20.48
N ASP A 140 -7.22 -10.34 -20.41
CA ASP A 140 -7.50 -9.40 -21.54
C ASP A 140 -6.47 -9.60 -22.65
N MET A 141 -5.19 -9.75 -22.29
CA MET A 141 -4.08 -9.83 -23.27
C MET A 141 -4.05 -11.20 -23.93
N MET A 142 -4.38 -12.28 -23.19
CA MET A 142 -4.16 -13.68 -23.65
C MET A 142 -5.37 -14.58 -23.39
N PRO A 143 -6.55 -14.29 -23.99
CA PRO A 143 -7.78 -15.02 -23.66
C PRO A 143 -7.74 -16.53 -23.94
N THR A 144 -7.05 -16.99 -24.97
CA THR A 144 -6.96 -18.44 -25.28
C THR A 144 -6.07 -19.15 -24.23
N ARG A 145 -4.98 -18.51 -23.79
CA ARG A 145 -4.06 -19.03 -22.72
C ARG A 145 -4.83 -19.11 -21.40
N PHE A 146 -5.56 -18.06 -21.06
CA PHE A 146 -6.39 -17.99 -19.83
C PHE A 146 -7.33 -19.20 -19.79
N GLU A 147 -8.11 -19.41 -20.87
CA GLU A 147 -9.04 -20.56 -20.98
C GLU A 147 -8.32 -21.89 -20.80
N ASP A 148 -7.19 -22.11 -21.49
CA ASP A 148 -6.42 -23.38 -21.49
C ASP A 148 -5.93 -23.69 -20.06
N LEU A 149 -5.45 -22.67 -19.36
CA LEU A 149 -4.93 -22.85 -17.97
C LEU A 149 -6.11 -23.11 -17.01
N MET A 150 -7.08 -22.20 -16.96
CA MET A 150 -8.13 -22.19 -15.90
C MET A 150 -8.97 -23.48 -15.98
N GLU A 151 -9.19 -24.03 -17.17
CA GLU A 151 -10.00 -25.25 -17.42
C GLU A 151 -9.22 -26.51 -17.04
N ASN A 152 -7.91 -26.43 -16.78
CA ASN A 152 -7.08 -27.64 -16.51
C ASN A 152 -6.39 -27.53 -15.12
N LEU A 153 -6.72 -26.56 -14.29
CA LEU A 153 -6.13 -26.50 -12.92
C LEU A 153 -6.61 -27.70 -12.12
N PRO A 154 -5.71 -28.34 -11.35
CA PRO A 154 -6.11 -29.41 -10.42
C PRO A 154 -6.89 -28.84 -9.22
N LEU A 155 -7.64 -29.72 -8.51
CA LEU A 155 -8.44 -29.39 -7.30
C LEU A 155 -9.36 -28.20 -7.61
N PRO A 156 -10.20 -28.31 -8.68
CA PRO A 156 -10.95 -27.15 -9.20
C PRO A 156 -11.96 -26.55 -8.19
N GLU A 157 -12.48 -27.30 -7.21
CA GLU A 157 -13.39 -26.69 -6.18
C GLU A 157 -12.63 -25.67 -5.33
N TYR A 158 -11.32 -25.85 -5.16
CA TYR A 158 -10.44 -24.90 -4.46
C TYR A 158 -9.90 -23.81 -5.39
N THR A 159 -9.53 -24.14 -6.64
CA THR A 159 -8.64 -23.26 -7.45
C THR A 159 -9.42 -22.40 -8.47
N LYS A 160 -10.62 -22.76 -8.87
CA LYS A 160 -11.40 -21.96 -9.87
C LYS A 160 -12.01 -20.71 -9.20
N ARG A 161 -12.17 -19.61 -9.94
CA ARG A 161 -12.58 -18.30 -9.33
C ARG A 161 -13.89 -18.48 -8.55
N ASP A 162 -14.78 -19.34 -9.08
CA ASP A 162 -16.14 -19.61 -8.57
C ASP A 162 -16.21 -21.01 -7.92
N GLY A 163 -15.08 -21.64 -7.58
CA GLY A 163 -15.14 -22.96 -6.94
C GLY A 163 -15.84 -22.90 -5.59
N ARG A 164 -16.52 -23.97 -5.21
CA ARG A 164 -17.33 -24.04 -3.97
C ARG A 164 -16.43 -23.89 -2.74
N LEU A 165 -15.14 -24.28 -2.77
CA LEU A 165 -14.25 -24.13 -1.60
C LEU A 165 -13.25 -22.98 -1.81
N ASN A 166 -13.51 -22.11 -2.77
CA ASN A 166 -12.72 -20.85 -2.89
C ASN A 166 -13.55 -19.70 -2.28
N LEU A 167 -13.12 -19.14 -1.17
CA LEU A 167 -13.87 -18.05 -0.49
C LEU A 167 -13.50 -16.66 -1.08
N ALA A 168 -12.67 -16.57 -2.13
CA ALA A 168 -12.10 -15.27 -2.58
C ALA A 168 -13.23 -14.27 -2.88
N SER A 169 -14.28 -14.72 -3.55
CA SER A 169 -15.38 -13.85 -4.04
C SER A 169 -16.47 -13.69 -2.99
N ARG A 170 -16.30 -14.23 -1.80
CA ARG A 170 -17.40 -14.38 -0.82
C ARG A 170 -17.05 -13.67 0.48
N LEU A 171 -15.94 -12.95 0.58
CA LEU A 171 -15.50 -12.45 1.91
C LEU A 171 -15.70 -10.95 2.03
N PRO A 172 -16.05 -10.39 3.21
CA PRO A 172 -16.12 -8.94 3.33
C PRO A 172 -14.73 -8.31 3.50
N SER A 173 -14.71 -6.98 3.68
CA SER A 173 -13.48 -6.17 3.62
C SER A 173 -12.58 -6.40 4.84
N TYR A 174 -13.08 -7.11 5.84
CA TYR A 174 -12.29 -7.55 7.01
C TYR A 174 -11.22 -8.58 6.61
N PHE A 175 -11.25 -9.07 5.38
CA PHE A 175 -10.25 -10.03 4.80
C PHE A 175 -9.52 -9.39 3.61
N VAL A 176 -8.21 -9.63 3.49
CA VAL A 176 -7.44 -9.21 2.28
C VAL A 176 -7.78 -10.20 1.17
N ARG A 177 -8.34 -9.73 0.07
CA ARG A 177 -8.77 -10.54 -1.09
C ARG A 177 -7.65 -10.52 -2.14
N PRO A 178 -7.36 -11.66 -2.82
CA PRO A 178 -6.31 -11.67 -3.84
C PRO A 178 -6.77 -10.91 -5.09
N ASP A 179 -5.82 -10.43 -5.91
CA ASP A 179 -6.13 -9.75 -7.19
C ASP A 179 -6.69 -10.83 -8.12
N LEU A 180 -7.34 -10.40 -9.21
CA LEU A 180 -7.75 -11.29 -10.32
C LEU A 180 -6.46 -11.78 -11.03
N GLY A 181 -6.34 -13.10 -11.21
CA GLY A 181 -5.13 -13.72 -11.81
C GLY A 181 -5.55 -14.32 -13.14
N PRO A 182 -4.80 -15.28 -13.68
CA PRO A 182 -3.51 -15.67 -13.13
C PRO A 182 -2.37 -14.66 -13.40
N LYS A 183 -1.20 -14.98 -12.88
CA LYS A 183 0.08 -14.21 -13.02
C LYS A 183 1.11 -15.14 -13.68
N MET A 184 1.91 -14.60 -14.58
CA MET A 184 2.93 -15.37 -15.30
C MET A 184 4.28 -15.03 -14.73
N TYR A 185 5.16 -16.02 -14.54
CA TYR A 185 6.49 -15.83 -13.91
C TYR A 185 7.54 -16.44 -14.86
N ASN A 186 8.32 -15.55 -15.50
CA ASN A 186 9.24 -15.92 -16.61
C ASN A 186 10.67 -15.52 -16.24
N ALA A 187 11.61 -16.47 -16.25
CA ALA A 187 13.03 -16.20 -15.92
C ALA A 187 13.94 -17.26 -16.49
N TYR A 188 15.17 -16.83 -16.79
CA TYR A 188 16.28 -17.70 -17.22
C TYR A 188 16.69 -18.63 -16.05
N GLY A 189 17.38 -19.70 -16.37
CA GLY A 189 18.05 -20.60 -15.41
C GLY A 189 19.33 -20.01 -14.85
N LEU A 190 19.57 -20.23 -13.57
CA LEU A 190 20.86 -19.88 -12.92
C LEU A 190 21.88 -20.96 -13.32
N ILE A 191 23.14 -20.57 -13.49
CA ILE A 191 24.10 -21.32 -14.34
C ILE A 191 25.31 -21.81 -13.52
N THR A 192 25.98 -20.91 -12.81
CA THR A 192 27.34 -21.12 -12.25
C THR A 192 27.30 -21.61 -10.78
N ALA A 193 28.47 -22.00 -10.26
CA ALA A 193 28.68 -22.35 -8.83
C ALA A 193 28.30 -21.16 -7.94
N GLU A 194 28.69 -19.93 -8.29
CA GLU A 194 28.30 -18.71 -7.52
C GLU A 194 26.77 -18.51 -7.56
N ASP A 195 26.14 -18.81 -8.69
CA ASP A 195 24.67 -18.63 -8.86
C ASP A 195 23.90 -19.52 -7.86
N ARG A 196 24.53 -20.54 -7.25
CA ARG A 196 23.82 -21.51 -6.36
C ARG A 196 23.24 -20.79 -5.12
N ARG A 197 23.81 -19.64 -4.77
CA ARG A 197 23.48 -18.86 -3.55
C ARG A 197 22.44 -17.77 -3.85
N VAL A 198 21.94 -17.67 -5.08
CA VAL A 198 21.05 -16.55 -5.51
C VAL A 198 19.68 -17.17 -5.75
N GLY A 199 18.62 -16.41 -5.54
CA GLY A 199 17.24 -16.83 -5.88
C GLY A 199 16.75 -16.23 -7.19
N THR A 200 15.82 -16.91 -7.82
CA THR A 200 14.99 -16.34 -8.92
C THR A 200 13.94 -15.44 -8.25
N THR A 201 13.27 -15.97 -7.21
CA THR A 201 12.34 -15.25 -6.30
C THR A 201 12.80 -15.47 -4.86
N ASN A 202 13.11 -14.37 -4.17
CA ASN A 202 13.62 -14.42 -2.78
C ASN A 202 12.51 -14.90 -1.83
N LEU A 203 12.94 -15.27 -0.64
CA LEU A 203 12.04 -15.72 0.47
C LEU A 203 10.99 -14.66 0.79
N HIS A 204 9.70 -15.03 0.75
CA HIS A 204 8.55 -14.14 1.04
C HIS A 204 7.35 -15.00 1.46
N LEU A 205 6.25 -14.37 1.89
CA LEU A 205 5.01 -15.15 2.10
C LEU A 205 3.83 -14.37 1.49
N ASP A 206 2.74 -15.06 1.21
CA ASP A 206 1.48 -14.50 0.66
C ASP A 206 0.36 -14.76 1.66
N VAL A 207 -0.63 -13.88 1.76
CA VAL A 207 -1.74 -14.10 2.74
C VAL A 207 -2.86 -14.95 2.13
N SER A 208 -2.80 -15.24 0.82
N SER A 208 -2.80 -15.23 0.82
CA SER A 208 -3.70 -16.16 0.09
CA SER A 208 -3.69 -16.16 0.10
C SER A 208 -2.96 -17.47 -0.24
C SER A 208 -2.96 -17.48 -0.16
N ASP A 209 -3.73 -18.54 -0.48
CA ASP A 209 -3.20 -19.81 -0.98
C ASP A 209 -2.82 -19.55 -2.48
N ALA A 210 -1.96 -20.39 -3.06
CA ALA A 210 -1.58 -20.30 -4.50
C ALA A 210 -1.35 -21.68 -5.08
N VAL A 211 -1.69 -21.86 -6.37
CA VAL A 211 -1.25 -23.02 -7.18
C VAL A 211 -0.36 -22.49 -8.31
N ASN A 212 0.83 -23.06 -8.46
CA ASN A 212 1.87 -22.60 -9.41
C ASN A 212 2.17 -23.76 -10.35
N VAL A 213 1.87 -23.60 -11.66
CA VAL A 213 2.01 -24.65 -12.70
C VAL A 213 3.23 -24.36 -13.60
N MET A 214 4.12 -25.34 -13.79
CA MET A 214 5.26 -25.28 -14.74
C MET A 214 4.74 -25.66 -16.14
N VAL A 215 4.60 -24.69 -17.02
CA VAL A 215 3.95 -24.91 -18.37
C VAL A 215 5.04 -25.07 -19.41
N TYR A 216 6.29 -24.70 -19.13
CA TYR A 216 7.39 -24.83 -20.14
C TYR A 216 8.74 -24.77 -19.43
N VAL A 217 9.65 -25.68 -19.78
CA VAL A 217 11.08 -25.68 -19.36
C VAL A 217 11.97 -25.65 -20.63
N GLY A 218 12.86 -24.69 -20.69
CA GLY A 218 13.77 -24.47 -21.82
C GLY A 218 15.16 -24.82 -21.39
N ILE A 219 15.71 -25.87 -21.96
CA ILE A 219 17.11 -26.29 -21.70
C ILE A 219 17.98 -25.70 -22.81
N PRO A 220 18.87 -24.72 -22.52
CA PRO A 220 19.54 -23.96 -23.59
C PRO A 220 20.58 -24.74 -24.41
N ILE A 221 21.25 -23.99 -25.30
CA ILE A 221 22.26 -24.39 -26.33
C ILE A 221 23.21 -23.20 -26.55
N GLY A 222 24.49 -23.50 -26.81
CA GLY A 222 25.61 -22.53 -26.93
C GLY A 222 26.58 -22.70 -25.76
N GLU A 223 26.02 -22.74 -24.55
CA GLU A 223 26.63 -23.37 -23.35
C GLU A 223 25.67 -24.49 -22.91
N GLY A 224 25.31 -25.35 -23.87
CA GLY A 224 24.60 -26.63 -23.65
C GLY A 224 25.61 -27.76 -23.43
N ALA A 225 25.46 -28.49 -22.33
CA ALA A 225 26.44 -29.40 -21.67
C ALA A 225 26.62 -28.98 -20.20
N HIS A 226 25.59 -28.35 -19.61
CA HIS A 226 25.60 -27.61 -18.32
C HIS A 226 24.91 -28.48 -17.23
N ASP A 227 24.89 -29.80 -17.47
CA ASP A 227 24.03 -30.80 -16.78
C ASP A 227 24.54 -31.04 -15.34
N GLU A 228 25.82 -30.77 -15.06
CA GLU A 228 26.50 -31.25 -13.82
C GLU A 228 26.31 -30.25 -12.68
N GLU A 229 26.37 -28.95 -12.96
CA GLU A 229 26.08 -27.89 -11.95
C GLU A 229 24.61 -28.00 -11.50
N VAL A 230 23.69 -28.39 -12.39
CA VAL A 230 22.25 -28.65 -12.07
C VAL A 230 22.13 -29.80 -11.06
N LEU A 231 22.87 -30.92 -11.22
CA LEU A 231 22.78 -32.07 -10.28
C LEU A 231 23.32 -31.69 -8.89
N LYS A 232 24.42 -30.94 -8.84
N LYS A 232 24.44 -30.97 -8.85
CA LYS A 232 25.06 -30.49 -7.58
CA LYS A 232 25.06 -30.48 -7.59
C LYS A 232 24.11 -29.52 -6.85
C LYS A 232 24.07 -29.56 -6.85
N THR A 233 23.37 -28.70 -7.59
CA THR A 233 22.40 -27.71 -7.00
C THR A 233 21.25 -28.45 -6.31
N ILE A 234 20.70 -29.47 -6.97
CA ILE A 234 19.58 -30.33 -6.48
C ILE A 234 20.08 -31.12 -5.25
N ASP A 235 21.27 -31.67 -5.35
CA ASP A 235 21.86 -32.45 -4.23
C ASP A 235 22.10 -31.56 -2.99
N GLU A 236 22.82 -30.46 -3.15
CA GLU A 236 23.11 -29.49 -2.06
C GLU A 236 21.81 -28.78 -1.60
N GLY A 237 20.80 -28.74 -2.46
CA GLY A 237 19.47 -28.20 -2.11
C GLY A 237 18.68 -29.09 -1.17
N ASP A 238 19.13 -30.36 -0.93
CA ASP A 238 18.57 -31.30 0.07
C ASP A 238 17.43 -32.11 -0.55
N ALA A 239 17.36 -32.21 -1.87
CA ALA A 239 16.29 -32.95 -2.57
C ALA A 239 16.40 -34.44 -2.19
N ASP A 240 15.26 -35.13 -2.11
CA ASP A 240 15.17 -36.56 -1.67
C ASP A 240 15.57 -37.49 -2.82
N GLU A 241 15.75 -38.78 -2.52
CA GLU A 241 16.29 -39.77 -3.49
C GLU A 241 15.24 -40.10 -4.55
N VAL A 242 13.95 -40.10 -4.19
CA VAL A 242 12.86 -40.37 -5.18
C VAL A 242 12.83 -39.24 -6.22
N THR A 243 12.92 -37.98 -5.78
CA THR A 243 13.03 -36.79 -6.66
C THR A 243 14.19 -37.00 -7.65
N LYS A 244 15.34 -37.49 -7.17
CA LYS A 244 16.52 -37.66 -8.05
C LYS A 244 16.25 -38.74 -9.12
N GLU A 245 15.51 -39.80 -8.76
CA GLU A 245 15.11 -40.88 -9.70
C GLU A 245 14.21 -40.34 -10.84
N ARG A 246 13.46 -39.22 -10.66
CA ARG A 246 12.61 -38.64 -11.75
C ARG A 246 13.47 -38.19 -12.95
N ILE A 247 14.69 -37.74 -12.68
CA ILE A 247 15.70 -37.33 -13.72
C ILE A 247 16.33 -38.58 -14.36
N HIS A 248 17.03 -39.37 -13.53
CA HIS A 248 17.92 -40.49 -13.97
C HIS A 248 17.09 -41.63 -14.57
N ASP A 249 15.91 -41.96 -14.01
CA ASP A 249 15.12 -43.15 -14.43
C ASP A 249 14.01 -42.76 -15.45
N HIS A 250 13.34 -41.60 -15.31
CA HIS A 250 12.16 -41.22 -16.14
C HIS A 250 12.50 -40.12 -17.17
N LYS A 251 13.70 -39.51 -17.08
CA LYS A 251 14.16 -38.42 -17.98
C LYS A 251 13.15 -37.26 -18.02
N GLU A 252 12.53 -36.88 -16.89
CA GLU A 252 11.67 -35.66 -16.84
C GLU A 252 12.56 -34.40 -16.84
N LYS A 253 12.03 -33.27 -17.32
CA LYS A 253 12.76 -31.96 -17.37
C LYS A 253 12.55 -31.20 -16.07
N PRO A 254 13.57 -30.98 -15.23
CA PRO A 254 13.42 -30.21 -13.99
C PRO A 254 13.49 -28.71 -14.30
N GLY A 255 12.53 -27.93 -13.79
CA GLY A 255 12.48 -26.47 -13.95
C GLY A 255 13.14 -25.73 -12.81
N ALA A 256 12.65 -25.95 -11.57
CA ALA A 256 13.00 -25.03 -10.46
C ALA A 256 13.04 -25.79 -9.13
N LEU A 257 13.96 -25.35 -8.26
CA LEU A 257 14.14 -25.84 -6.87
C LEU A 257 13.45 -24.83 -5.93
N TRP A 258 12.49 -25.32 -5.17
CA TRP A 258 11.75 -24.54 -4.15
C TRP A 258 12.21 -24.99 -2.75
N HIS A 259 12.25 -24.06 -1.80
CA HIS A 259 12.17 -24.36 -0.34
C HIS A 259 10.92 -23.70 0.21
N ILE A 260 10.07 -24.47 0.89
CA ILE A 260 8.84 -23.97 1.54
C ILE A 260 8.94 -24.33 3.02
N TYR A 261 8.48 -23.42 3.87
CA TYR A 261 8.44 -23.56 5.35
C TYR A 261 7.00 -23.43 5.84
N ALA A 262 6.65 -24.16 6.91
CA ALA A 262 5.31 -24.08 7.56
C ALA A 262 5.03 -22.64 8.05
N ALA A 263 3.80 -22.16 7.88
CA ALA A 263 3.36 -20.83 8.38
C ALA A 263 3.73 -20.68 9.87
N LYS A 264 3.71 -21.77 10.64
CA LYS A 264 3.94 -21.67 12.11
C LYS A 264 5.40 -21.37 12.41
N ASP A 265 6.31 -21.54 11.44
CA ASP A 265 7.77 -21.32 11.62
C ASP A 265 8.22 -19.92 11.15
N ALA A 266 7.33 -19.10 10.58
CA ALA A 266 7.67 -17.77 10.01
C ALA A 266 8.41 -16.87 11.01
N GLU A 267 8.01 -16.81 12.29
CA GLU A 267 8.69 -15.89 13.26
C GLU A 267 10.11 -16.39 13.57
N LYS A 268 10.34 -17.68 13.75
CA LYS A 268 11.71 -18.22 13.94
C LYS A 268 12.59 -17.89 12.74
N ILE A 269 12.06 -17.95 11.53
CA ILE A 269 12.85 -17.55 10.33
C ILE A 269 13.16 -16.05 10.46
N ARG A 270 12.19 -15.22 10.86
CA ARG A 270 12.49 -13.77 11.05
C ARG A 270 13.63 -13.57 12.10
N GLU A 271 13.66 -14.33 13.19
CA GLU A 271 14.72 -14.22 14.21
C GLU A 271 16.08 -14.56 13.61
N LEU A 272 16.21 -15.65 12.84
CA LEU A 272 17.48 -16.00 12.16
C LEU A 272 17.93 -14.84 11.28
N LEU A 273 17.02 -14.28 10.49
CA LEU A 273 17.44 -13.27 9.48
C LEU A 273 17.76 -11.92 10.15
N ARG A 274 17.13 -11.57 11.28
CA ARG A 274 17.58 -10.41 12.09
C ARG A 274 19.01 -10.60 12.61
N LYS A 275 19.35 -11.77 13.14
CA LYS A 275 20.71 -12.08 13.67
C LYS A 275 21.72 -12.03 12.52
N VAL A 276 21.41 -12.65 11.38
CA VAL A 276 22.34 -12.60 10.22
C VAL A 276 22.47 -11.17 9.69
N GLY A 277 21.38 -10.43 9.54
CA GLY A 277 21.39 -9.01 9.13
C GLY A 277 22.39 -8.21 9.98
N GLU A 278 22.40 -8.47 11.28
CA GLU A 278 23.24 -7.78 12.30
C GLU A 278 24.70 -8.22 12.13
N GLU A 279 24.97 -9.52 12.03
CA GLU A 279 26.34 -10.04 11.77
C GLU A 279 26.92 -9.40 10.51
N GLN A 280 26.10 -9.15 9.48
CA GLN A 280 26.59 -8.62 8.17
C GLN A 280 26.61 -7.09 8.20
N GLY A 281 26.38 -6.47 9.36
CA GLY A 281 26.49 -5.01 9.52
C GLY A 281 25.34 -4.27 8.90
N GLN A 282 24.21 -4.91 8.57
CA GLN A 282 22.96 -4.14 8.32
C GLN A 282 22.62 -3.44 9.65
N GLU A 283 21.90 -2.32 9.59
CA GLU A 283 21.45 -1.60 10.80
C GLU A 283 19.93 -1.50 10.71
N ASN A 284 19.24 -2.44 11.35
CA ASN A 284 17.77 -2.63 11.22
C ASN A 284 17.15 -2.43 12.61
N PRO A 285 15.97 -1.77 12.74
CA PRO A 285 15.21 -1.78 13.99
C PRO A 285 14.85 -3.20 14.41
N PRO A 286 14.76 -3.52 15.73
CA PRO A 286 14.68 -4.90 16.19
C PRO A 286 13.35 -5.60 15.83
N ASP A 287 12.40 -4.84 15.28
CA ASP A 287 11.02 -5.26 14.92
C ASP A 287 10.88 -5.43 13.40
N HIS A 288 11.88 -5.07 12.59
CA HIS A 288 11.73 -5.02 11.10
C HIS A 288 11.51 -6.44 10.56
N ASP A 289 10.85 -6.54 9.40
CA ASP A 289 10.34 -7.85 8.87
C ASP A 289 11.17 -8.28 7.66
N PRO A 290 12.22 -9.11 7.85
CA PRO A 290 13.07 -9.58 6.75
C PRO A 290 12.38 -10.47 5.72
N ILE A 291 11.27 -11.14 6.10
CA ILE A 291 10.45 -11.91 5.12
C ILE A 291 9.69 -10.92 4.22
N HIS A 292 9.00 -9.90 4.79
CA HIS A 292 8.22 -8.92 3.97
C HIS A 292 9.17 -8.16 3.01
N ASP A 293 10.38 -7.86 3.46
CA ASP A 293 11.46 -7.17 2.68
C ASP A 293 11.82 -7.90 1.38
N GLN A 294 11.68 -9.24 1.32
CA GLN A 294 11.87 -10.07 0.10
C GLN A 294 13.30 -9.91 -0.38
N SER A 295 14.23 -9.84 0.56
CA SER A 295 15.64 -9.46 0.29
C SER A 295 16.59 -10.64 0.51
N TRP A 296 16.13 -11.78 1.05
CA TRP A 296 16.97 -12.93 1.44
C TRP A 296 16.72 -14.15 0.53
N TYR A 297 17.77 -14.90 0.22
CA TYR A 297 17.68 -16.27 -0.33
C TYR A 297 18.42 -17.17 0.67
N LEU A 298 17.75 -18.19 1.22
CA LEU A 298 18.41 -19.14 2.16
C LEU A 298 19.26 -20.13 1.37
N ASP A 299 20.58 -19.94 1.40
CA ASP A 299 21.57 -20.84 0.73
C ASP A 299 21.84 -22.05 1.65
N GLN A 300 22.66 -23.01 1.23
CA GLN A 300 22.96 -24.22 2.05
C GLN A 300 23.37 -23.83 3.48
N THR A 301 24.22 -22.81 3.67
CA THR A 301 24.72 -22.40 5.01
C THR A 301 23.53 -21.96 5.88
N LEU A 302 22.69 -21.10 5.32
CA LEU A 302 21.56 -20.51 6.09
C LEU A 302 20.50 -21.59 6.38
N ARG A 303 20.27 -22.55 5.46
CA ARG A 303 19.26 -23.60 5.71
C ARG A 303 19.74 -24.49 6.86
N LYS A 304 21.03 -24.80 6.88
CA LYS A 304 21.59 -25.67 7.95
C LYS A 304 21.52 -24.94 9.31
N ARG A 305 21.85 -23.65 9.36
CA ARG A 305 21.73 -22.77 10.54
C ARG A 305 20.29 -22.74 11.07
N LEU A 306 19.30 -22.64 10.18
CA LEU A 306 17.87 -22.58 10.55
C LEU A 306 17.50 -23.87 11.27
N TYR A 307 17.97 -25.00 10.74
CA TYR A 307 17.72 -26.35 11.30
C TYR A 307 18.46 -26.47 12.65
N GLU A 308 19.78 -26.23 12.68
CA GLU A 308 20.63 -26.56 13.86
C GLU A 308 20.25 -25.61 15.02
N GLU A 309 20.11 -24.30 14.73
CA GLU A 309 20.00 -23.22 15.76
C GLU A 309 18.55 -22.94 16.17
N TYR A 310 17.54 -23.24 15.32
CA TYR A 310 16.14 -22.84 15.57
C TYR A 310 15.20 -24.05 15.50
N GLY A 311 15.70 -25.22 15.12
CA GLY A 311 14.85 -26.43 15.07
C GLY A 311 13.85 -26.48 13.91
N VAL A 312 14.10 -25.74 12.83
CA VAL A 312 13.12 -25.59 11.71
C VAL A 312 13.58 -26.39 10.50
N GLN A 313 12.70 -27.24 10.01
CA GLN A 313 12.88 -28.09 8.82
C GLN A 313 11.91 -27.56 7.76
N GLY A 314 12.31 -27.57 6.50
CA GLY A 314 11.40 -27.22 5.40
C GLY A 314 11.17 -28.38 4.46
N TRP A 315 10.60 -28.08 3.31
CA TRP A 315 10.35 -29.01 2.20
C TRP A 315 11.19 -28.46 1.01
N ALA A 316 12.12 -29.27 0.52
CA ALA A 316 12.89 -29.02 -0.72
C ALA A 316 12.17 -29.71 -1.87
N ILE A 317 11.66 -28.95 -2.84
CA ILE A 317 10.74 -29.47 -3.88
C ILE A 317 11.35 -29.13 -5.25
N VAL A 318 11.55 -30.13 -6.09
CA VAL A 318 11.91 -29.89 -7.53
C VAL A 318 10.62 -29.93 -8.33
N GLN A 319 10.31 -28.81 -8.98
CA GLN A 319 9.11 -28.65 -9.84
C GLN A 319 9.55 -28.97 -11.28
N PHE A 320 9.10 -30.11 -11.82
CA PHE A 320 9.34 -30.57 -13.22
C PHE A 320 8.28 -29.96 -14.15
N LEU A 321 8.54 -30.01 -15.47
CA LEU A 321 7.49 -29.66 -16.46
C LEU A 321 6.17 -30.34 -16.09
N GLY A 322 5.10 -29.57 -16.00
CA GLY A 322 3.73 -30.05 -15.76
C GLY A 322 3.42 -30.23 -14.27
N ASP A 323 4.36 -30.02 -13.38
CA ASP A 323 4.05 -30.05 -11.92
C ASP A 323 3.35 -28.77 -11.43
N ALA A 324 2.28 -28.94 -10.66
CA ALA A 324 1.53 -27.86 -9.97
C ALA A 324 1.92 -27.92 -8.47
N VAL A 325 2.57 -26.87 -7.98
CA VAL A 325 2.92 -26.73 -6.53
C VAL A 325 1.81 -25.93 -5.82
N PHE A 326 1.23 -26.48 -4.76
CA PHE A 326 0.21 -25.84 -3.90
C PHE A 326 0.95 -25.24 -2.70
N ILE A 327 0.89 -23.90 -2.54
CA ILE A 327 1.61 -23.19 -1.43
C ILE A 327 0.56 -22.68 -0.44
N PRO A 328 0.58 -23.16 0.82
CA PRO A 328 -0.37 -22.71 1.84
C PRO A 328 -0.19 -21.24 2.25
N ALA A 329 -1.31 -20.51 2.42
CA ALA A 329 -1.29 -19.12 2.94
C ALA A 329 -0.39 -19.04 4.18
N GLY A 330 0.47 -18.00 4.23
CA GLY A 330 1.36 -17.75 5.36
C GLY A 330 2.69 -18.51 5.31
N ALA A 331 2.85 -19.48 4.39
CA ALA A 331 4.05 -20.32 4.31
C ALA A 331 5.18 -19.54 3.62
N PRO A 332 6.32 -19.20 4.32
CA PRO A 332 7.47 -18.62 3.65
C PRO A 332 8.05 -19.55 2.58
N HIS A 333 8.40 -19.00 1.40
CA HIS A 333 8.95 -19.83 0.29
C HIS A 333 9.87 -18.98 -0.62
N GLN A 334 10.79 -19.68 -1.28
CA GLN A 334 11.80 -19.17 -2.25
C GLN A 334 11.90 -20.15 -3.45
N VAL A 335 12.33 -19.62 -4.59
CA VAL A 335 12.35 -20.35 -5.88
C VAL A 335 13.71 -20.06 -6.56
N HIS A 336 14.36 -21.10 -7.09
CA HIS A 336 15.68 -21.06 -7.79
C HIS A 336 15.53 -21.83 -9.11
N ASN A 337 15.47 -21.15 -10.26
CA ASN A 337 15.34 -21.81 -11.57
C ASN A 337 16.64 -22.54 -11.90
N LEU A 338 16.52 -23.81 -12.27
CA LEU A 338 17.61 -24.69 -12.70
C LEU A 338 17.80 -24.47 -14.20
N TYR A 339 16.71 -24.35 -14.93
CA TYR A 339 16.70 -24.00 -16.38
C TYR A 339 15.77 -22.81 -16.60
N SER A 340 15.64 -22.34 -17.87
CA SER A 340 14.65 -21.28 -18.19
C SER A 340 13.22 -21.80 -18.01
N CYS A 341 12.40 -21.05 -17.26
CA CYS A 341 11.04 -21.49 -16.87
C CYS A 341 9.96 -20.48 -17.23
N ILE A 342 8.82 -21.02 -17.68
CA ILE A 342 7.51 -20.32 -17.72
C ILE A 342 6.60 -20.98 -16.68
N LYS A 343 6.20 -20.20 -15.68
CA LYS A 343 5.24 -20.64 -14.62
C LYS A 343 3.99 -19.77 -14.71
N VAL A 344 2.82 -20.35 -14.47
CA VAL A 344 1.57 -19.58 -14.32
C VAL A 344 0.90 -19.97 -12.99
N ALA A 345 0.53 -18.98 -12.22
CA ALA A 345 0.02 -19.16 -10.83
C ALA A 345 -1.34 -18.50 -10.67
N GLU A 346 -2.21 -19.07 -9.83
CA GLU A 346 -3.55 -18.51 -9.49
C GLU A 346 -3.65 -18.49 -7.96
N ASP A 347 -4.03 -17.36 -7.38
CA ASP A 347 -4.31 -17.28 -5.93
C ASP A 347 -5.75 -17.75 -5.66
N PHE A 348 -6.01 -18.25 -4.45
CA PHE A 348 -7.36 -18.68 -3.97
C PHE A 348 -7.38 -18.58 -2.44
N VAL A 349 -8.56 -18.68 -1.83
CA VAL A 349 -8.73 -18.60 -0.35
C VAL A 349 -9.50 -19.85 0.10
N SER A 350 -8.78 -20.85 0.57
CA SER A 350 -9.39 -22.10 1.10
C SER A 350 -9.93 -21.80 2.50
N PRO A 351 -11.00 -22.51 2.91
CA PRO A 351 -11.50 -22.38 4.27
C PRO A 351 -10.49 -22.82 5.33
N GLU A 352 -9.61 -23.77 4.99
CA GLU A 352 -8.56 -24.31 5.88
C GLU A 352 -7.64 -23.18 6.32
N HIS A 353 -7.39 -22.18 5.48
CA HIS A 353 -6.32 -21.19 5.75
C HIS A 353 -6.81 -19.72 5.77
N VAL A 354 -8.12 -19.51 5.76
CA VAL A 354 -8.70 -18.13 5.75
C VAL A 354 -8.20 -17.28 6.93
N LYS A 355 -7.85 -17.82 8.10
CA LYS A 355 -7.29 -17.00 9.23
C LYS A 355 -6.11 -16.15 8.76
N HIS A 356 -5.32 -16.59 7.77
CA HIS A 356 -4.07 -15.89 7.37
C HIS A 356 -4.36 -14.52 6.72
N CYS A 357 -5.56 -14.29 6.14
CA CYS A 357 -5.91 -13.01 5.44
C CYS A 357 -6.88 -12.12 6.26
N PHE A 358 -7.24 -12.49 7.50
CA PHE A 358 -8.13 -11.68 8.37
C PHE A 358 -7.37 -10.45 8.89
N ARG A 359 -8.01 -9.28 8.91
CA ARG A 359 -7.34 -7.98 9.23
C ARG A 359 -7.35 -7.66 10.73
N LEU A 360 -7.89 -8.51 11.61
CA LEU A 360 -7.88 -8.22 13.08
C LEU A 360 -7.14 -9.31 13.85
N THR A 361 -6.87 -9.01 15.14
CA THR A 361 -6.30 -9.89 16.22
C THR A 361 -5.04 -10.60 15.71
N MET B 23 -6.01 46.30 23.04
CA MET B 23 -5.98 45.43 24.24
C MET B 23 -6.52 44.02 23.89
N THR B 24 -7.04 43.80 22.68
CA THR B 24 -7.41 42.45 22.17
C THR B 24 -6.21 41.51 22.38
N SER B 25 -6.38 40.46 23.18
CA SER B 25 -5.34 39.44 23.42
C SER B 25 -4.98 38.76 22.11
N HIS B 26 -3.73 38.93 21.69
CA HIS B 26 -3.16 38.33 20.46
C HIS B 26 -1.66 38.17 20.54
N SER B 27 -1.10 37.37 19.63
CA SER B 27 0.37 37.28 19.34
C SER B 27 0.57 36.93 17.86
N TRP B 28 1.83 36.93 17.42
CA TRP B 28 2.24 36.73 16.02
C TRP B 28 3.14 35.50 15.99
N LEU B 29 2.78 34.46 15.25
CA LEU B 29 3.62 33.24 15.13
C LEU B 29 4.17 33.18 13.70
N CYS B 30 4.81 32.07 13.31
CA CYS B 30 5.49 31.97 11.99
C CYS B 30 6.34 33.24 11.79
N ASP B 31 7.15 33.61 12.80
CA ASP B 31 8.12 34.72 12.74
C ASP B 31 7.44 36.01 12.24
N GLY B 32 6.32 36.41 12.89
CA GLY B 32 5.57 37.66 12.63
C GLY B 32 4.44 37.57 11.59
N ARG B 33 4.33 36.47 10.82
CA ARG B 33 3.45 36.43 9.61
C ARG B 33 2.08 35.77 9.89
N LEU B 34 1.83 35.24 11.10
CA LEU B 34 0.51 34.59 11.45
C LEU B 34 -0.12 35.22 12.68
N LEU B 35 -1.29 35.88 12.54
CA LEU B 35 -2.09 36.38 13.67
C LEU B 35 -2.67 35.20 14.46
N CYS B 36 -2.47 35.17 15.77
CA CYS B 36 -3.08 34.21 16.71
C CYS B 36 -3.90 35.03 17.71
N LEU B 37 -5.23 34.89 17.69
CA LEU B 37 -6.17 35.56 18.64
C LEU B 37 -6.51 34.58 19.76
N HIS B 38 -6.46 35.02 21.03
CA HIS B 38 -6.44 34.08 22.20
C HIS B 38 -7.76 34.06 22.96
N ASP B 39 -8.67 35.01 22.75
CA ASP B 39 -10.02 34.93 23.34
C ASP B 39 -11.06 34.75 22.23
N PRO B 40 -11.63 33.54 22.09
CA PRO B 40 -12.54 33.25 20.98
C PRO B 40 -13.85 34.06 20.97
N SER B 41 -14.30 34.54 22.13
CA SER B 41 -15.57 35.30 22.28
C SER B 41 -15.32 36.82 22.38
N ASN B 42 -14.09 37.33 22.19
CA ASN B 42 -13.86 38.81 22.24
C ASN B 42 -14.51 39.48 21.03
N LYS B 43 -15.46 40.38 21.27
CA LYS B 43 -16.27 41.07 20.22
C LYS B 43 -15.41 42.01 19.36
N ASN B 44 -14.19 42.35 19.77
CA ASN B 44 -13.22 43.17 18.97
C ASN B 44 -12.25 42.34 18.10
N ASN B 45 -12.39 41.01 18.02
CA ASN B 45 -11.45 40.13 17.25
C ASN B 45 -11.33 40.63 15.83
N TRP B 46 -12.43 41.13 15.25
CA TRP B 46 -12.50 41.54 13.82
C TRP B 46 -11.50 42.66 13.47
N LYS B 47 -11.10 43.50 14.43
CA LYS B 47 -10.28 44.73 14.18
C LYS B 47 -8.93 44.40 13.55
N ILE B 48 -8.14 43.50 14.16
CA ILE B 48 -6.79 43.09 13.65
C ILE B 48 -6.94 41.97 12.57
N PHE B 49 -7.96 41.14 12.68
CA PHE B 49 -8.29 40.09 11.67
C PHE B 49 -8.41 40.67 10.27
N ARG B 50 -9.12 41.81 10.11
CA ARG B 50 -9.52 42.39 8.79
C ARG B 50 -8.33 42.52 7.84
N GLU B 51 -7.22 43.18 8.24
CA GLU B 51 -6.08 43.43 7.32
C GLU B 51 -5.35 42.12 7.01
N CYS B 52 -5.16 41.20 7.97
CA CYS B 52 -4.54 39.88 7.68
C CYS B 52 -5.38 39.17 6.58
N TRP B 53 -6.69 39.14 6.77
CA TRP B 53 -7.64 38.47 5.84
C TRP B 53 -7.65 39.18 4.47
N LYS B 54 -7.60 40.52 4.44
CA LYS B 54 -7.49 41.25 3.13
C LYS B 54 -6.20 40.88 2.39
N GLN B 55 -5.08 40.71 3.07
CA GLN B 55 -3.78 40.35 2.45
C GLN B 55 -3.73 38.86 2.06
N GLY B 56 -4.76 38.08 2.35
CA GLY B 56 -4.83 36.66 1.93
C GLY B 56 -4.13 35.71 2.89
N GLN B 57 -3.95 36.11 4.14
CA GLN B 57 -3.26 35.27 5.16
C GLN B 57 -4.26 34.38 5.89
N PRO B 58 -3.87 33.16 6.27
CA PRO B 58 -4.62 32.42 7.27
C PRO B 58 -4.47 33.11 8.63
N VAL B 59 -5.41 32.82 9.52
CA VAL B 59 -5.45 33.32 10.92
C VAL B 59 -5.77 32.14 11.84
N LEU B 60 -5.22 32.13 13.04
CA LEU B 60 -5.56 31.12 14.09
C LEU B 60 -6.26 31.79 15.28
N VAL B 61 -7.27 31.13 15.83
CA VAL B 61 -8.00 31.56 17.06
C VAL B 61 -7.92 30.39 18.03
N SER B 62 -7.32 30.56 19.21
CA SER B 62 -7.13 29.47 20.20
C SER B 62 -8.27 29.49 21.22
N GLY B 63 -8.45 28.40 21.97
CA GLY B 63 -9.33 28.36 23.17
C GLY B 63 -10.75 27.89 22.90
N VAL B 64 -11.11 27.47 21.67
CA VAL B 64 -12.53 27.14 21.35
C VAL B 64 -13.00 25.92 22.19
N HIS B 65 -12.10 25.01 22.56
CA HIS B 65 -12.44 23.76 23.31
C HIS B 65 -13.02 24.11 24.68
N LYS B 66 -12.58 25.24 25.23
CA LYS B 66 -13.07 25.73 26.54
C LYS B 66 -14.52 26.19 26.42
N LYS B 67 -15.02 26.50 25.22
CA LYS B 67 -16.42 26.96 25.02
C LYS B 67 -17.37 25.78 24.73
N LEU B 68 -16.84 24.59 24.41
CA LEU B 68 -17.67 23.43 24.00
C LEU B 68 -17.99 22.56 25.23
N LYS B 69 -19.00 21.70 25.09
CA LYS B 69 -19.27 20.54 25.98
C LYS B 69 -18.38 19.35 25.60
N SER B 70 -17.32 19.10 26.37
CA SER B 70 -16.22 18.17 26.03
C SER B 70 -16.74 16.72 25.91
N GLU B 71 -17.78 16.34 26.66
CA GLU B 71 -18.37 14.98 26.68
C GLU B 71 -19.03 14.67 25.32
N LEU B 72 -19.40 15.69 24.53
CA LEU B 72 -20.03 15.49 23.18
C LEU B 72 -18.96 15.15 22.12
N TRP B 73 -17.67 15.36 22.38
CA TRP B 73 -16.63 15.28 21.32
C TRP B 73 -15.61 14.15 21.61
N LYS B 74 -16.03 13.10 22.32
CA LYS B 74 -15.16 11.98 22.76
C LYS B 74 -15.33 10.79 21.81
N PRO B 75 -14.22 10.14 21.38
CA PRO B 75 -14.34 8.98 20.48
C PRO B 75 -15.30 7.90 21.01
N GLU B 76 -15.30 7.65 22.34
CA GLU B 76 -16.15 6.63 23.02
C GLU B 76 -17.64 6.94 22.79
N ALA B 77 -18.05 8.20 22.85
CA ALA B 77 -19.46 8.62 22.65
C ALA B 77 -19.89 8.41 21.18
N PHE B 78 -19.04 8.71 20.20
CA PHE B 78 -19.37 8.48 18.77
C PHE B 78 -19.58 6.97 18.53
N SER B 79 -18.73 6.14 19.12
CA SER B 79 -18.79 4.66 18.99
C SER B 79 -20.08 4.12 19.62
N GLN B 80 -20.37 4.47 20.88
CA GLN B 80 -21.60 3.98 21.59
C GLN B 80 -22.84 4.49 20.85
N GLU B 81 -22.84 5.73 20.38
CA GLU B 81 -24.04 6.34 19.77
C GLU B 81 -24.27 5.87 18.33
N PHE B 82 -23.22 5.73 17.50
CA PHE B 82 -23.41 5.56 16.02
C PHE B 82 -22.64 4.33 15.49
N GLY B 83 -22.11 3.50 16.39
CA GLY B 83 -21.13 2.45 16.08
C GLY B 83 -21.62 1.31 15.19
N ASP B 84 -22.95 1.13 15.05
CA ASP B 84 -23.47 -0.01 14.22
C ASP B 84 -23.76 0.47 12.80
N GLN B 85 -23.40 1.71 12.44
CA GLN B 85 -23.51 2.22 11.05
C GLN B 85 -22.43 1.59 10.14
N ASP B 86 -22.75 1.41 8.87
CA ASP B 86 -21.80 0.93 7.84
C ASP B 86 -21.12 2.12 7.19
N VAL B 87 -19.82 1.99 6.92
CA VAL B 87 -18.99 3.12 6.44
C VAL B 87 -17.80 2.61 5.63
N ASP B 88 -17.20 3.47 4.80
CA ASP B 88 -15.89 3.20 4.14
C ASP B 88 -14.79 3.95 4.89
N LEU B 89 -13.63 3.33 4.94
CA LEU B 89 -12.37 3.93 5.45
C LEU B 89 -11.37 4.03 4.28
N VAL B 90 -10.40 4.93 4.44
CA VAL B 90 -9.26 5.12 3.51
C VAL B 90 -7.96 4.83 4.28
N ASN B 91 -7.11 4.01 3.70
CA ASN B 91 -5.75 3.74 4.20
C ASN B 91 -4.88 4.93 3.76
N CYS B 92 -4.41 5.75 4.70
CA CYS B 92 -3.68 7.01 4.39
C CYS B 92 -2.35 6.71 3.68
N ARG B 93 -1.73 5.53 3.92
CA ARG B 93 -0.42 5.17 3.31
C ARG B 93 -0.53 4.87 1.80
N ASN B 94 -1.60 4.26 1.30
CA ASN B 94 -1.68 3.81 -0.11
C ASN B 94 -2.97 4.28 -0.80
N CYS B 95 -3.81 5.08 -0.13
CA CYS B 95 -5.11 5.61 -0.64
C CYS B 95 -6.13 4.49 -0.94
N ALA B 96 -5.92 3.24 -0.53
CA ALA B 96 -6.92 2.16 -0.77
C ALA B 96 -8.20 2.39 0.08
N ILE B 97 -9.36 2.06 -0.48
CA ILE B 97 -10.66 2.08 0.25
C ILE B 97 -10.89 0.73 0.91
N ILE B 98 -11.16 0.72 2.20
CA ILE B 98 -11.70 -0.43 2.97
C ILE B 98 -13.22 -0.23 3.06
N SER B 99 -14.00 -0.92 2.20
CA SER B 99 -15.45 -0.67 2.04
C SER B 99 -16.31 -1.47 3.02
N ASP B 100 -17.34 -0.79 3.53
CA ASP B 100 -18.51 -1.42 4.19
C ASP B 100 -18.07 -2.13 5.46
N VAL B 101 -17.37 -1.43 6.36
CA VAL B 101 -17.11 -1.94 7.73
C VAL B 101 -17.94 -1.13 8.73
N LYS B 102 -17.81 -1.40 10.02
CA LYS B 102 -18.62 -0.71 11.06
C LYS B 102 -17.87 0.53 11.58
N VAL B 103 -18.61 1.62 11.82
CA VAL B 103 -18.12 2.89 12.45
C VAL B 103 -17.39 2.51 13.76
N ARG B 104 -17.85 1.50 14.51
CA ARG B 104 -17.16 1.13 15.79
C ARG B 104 -15.77 0.53 15.52
N ASP B 105 -15.52 -0.06 14.34
CA ASP B 105 -14.17 -0.62 14.04
C ASP B 105 -13.18 0.53 13.82
N PHE B 106 -13.60 1.69 13.32
CA PHE B 106 -12.74 2.91 13.28
C PHE B 106 -12.51 3.41 14.72
N TRP B 107 -13.56 3.71 15.48
CA TRP B 107 -13.43 4.41 16.78
C TRP B 107 -12.69 3.52 17.81
N ASP B 108 -12.86 2.19 17.76
CA ASP B 108 -12.29 1.38 18.86
C ASP B 108 -10.77 1.28 18.72
N GLY B 109 -10.21 1.60 17.54
CA GLY B 109 -8.77 1.69 17.28
C GLY B 109 -8.22 3.13 17.32
N PHE B 110 -9.04 4.12 17.65
CA PHE B 110 -8.62 5.55 17.58
C PHE B 110 -7.35 5.79 18.42
N GLU B 111 -7.29 5.21 19.62
CA GLU B 111 -6.17 5.46 20.56
C GLU B 111 -5.51 4.17 21.03
N ILE B 112 -6.06 3.00 20.71
CA ILE B 112 -5.47 1.64 21.02
C ILE B 112 -4.99 0.99 19.71
N ILE B 113 -3.68 1.00 19.48
CA ILE B 113 -3.11 0.63 18.16
C ILE B 113 -3.34 -0.87 17.86
N CYS B 114 -3.32 -1.72 18.89
CA CYS B 114 -3.44 -3.20 18.72
C CYS B 114 -4.87 -3.54 18.26
N LYS B 115 -5.86 -2.62 18.41
CA LYS B 115 -7.26 -2.88 17.98
C LYS B 115 -7.51 -2.46 16.52
N ARG B 116 -6.53 -1.88 15.84
CA ARG B 116 -6.72 -1.36 14.47
C ARG B 116 -6.84 -2.49 13.44
N LEU B 117 -7.62 -2.26 12.38
CA LEU B 117 -7.55 -3.07 11.15
C LEU B 117 -6.12 -3.03 10.57
N ARG B 118 -5.62 -4.18 10.10
CA ARG B 118 -4.28 -4.37 9.53
C ARG B 118 -4.25 -4.47 8.01
N SER B 119 -3.09 -4.11 7.44
CA SER B 119 -2.76 -4.25 6.01
C SER B 119 -2.12 -5.65 5.78
N GLU B 120 -1.91 -6.01 4.51
CA GLU B 120 -1.28 -7.27 3.99
C GLU B 120 -0.02 -7.62 4.80
N ASP B 121 0.76 -6.63 5.24
CA ASP B 121 2.07 -6.83 5.93
C ASP B 121 1.91 -7.11 7.42
N GLY B 122 0.68 -7.22 7.92
CA GLY B 122 0.43 -7.41 9.37
C GLY B 122 0.52 -6.12 10.18
N GLN B 123 0.82 -4.96 9.57
CA GLN B 123 0.93 -3.68 10.33
C GLN B 123 -0.46 -3.08 10.56
N PRO B 124 -0.68 -2.45 11.73
CA PRO B 124 -1.87 -1.64 11.99
C PRO B 124 -1.91 -0.49 10.99
N MET B 125 -3.07 -0.26 10.39
CA MET B 125 -3.24 0.80 9.36
C MET B 125 -3.45 2.19 10.05
N VAL B 126 -3.02 3.22 9.35
CA VAL B 126 -3.38 4.64 9.61
C VAL B 126 -4.58 4.93 8.72
N LEU B 127 -5.75 5.07 9.34
CA LEU B 127 -7.05 5.16 8.64
C LEU B 127 -7.71 6.53 8.83
N LYS B 128 -8.46 6.96 7.81
CA LYS B 128 -9.44 8.08 7.91
C LYS B 128 -10.85 7.58 7.58
N LEU B 129 -11.81 8.09 8.32
CA LEU B 129 -13.23 7.79 8.13
C LEU B 129 -13.68 8.63 6.94
N LYS B 130 -14.23 8.00 5.92
CA LYS B 130 -14.66 8.71 4.67
C LYS B 130 -16.12 9.16 4.79
N ASP B 131 -16.38 10.45 4.51
CA ASP B 131 -17.74 11.00 4.25
C ASP B 131 -18.67 10.65 5.41
N TRP B 132 -18.31 11.02 6.63
CA TRP B 132 -19.14 10.70 7.80
C TRP B 132 -19.21 11.89 8.75
N PRO B 133 -20.40 12.29 9.24
CA PRO B 133 -21.69 11.86 8.71
C PRO B 133 -21.75 12.16 7.22
N PRO B 134 -22.48 11.32 6.45
CA PRO B 134 -22.51 11.44 5.00
C PRO B 134 -23.21 12.69 4.47
N GLY B 135 -22.66 13.24 3.39
CA GLY B 135 -23.22 14.41 2.69
C GLY B 135 -23.50 15.51 3.69
N GLU B 136 -24.77 15.89 3.83
CA GLU B 136 -25.23 17.04 4.66
C GLU B 136 -25.97 16.52 5.89
N ASP B 137 -25.80 15.24 6.24
CA ASP B 137 -26.54 14.59 7.35
C ASP B 137 -26.10 15.09 8.74
N PHE B 138 -25.01 15.86 8.87
CA PHE B 138 -24.46 16.26 10.20
C PHE B 138 -25.56 16.84 11.09
N ARG B 139 -26.35 17.79 10.59
CA ARG B 139 -27.41 18.46 11.39
C ARG B 139 -28.46 17.44 11.85
N ASP B 140 -28.97 16.61 10.94
CA ASP B 140 -30.04 15.62 11.23
C ASP B 140 -29.51 14.52 12.14
N MET B 141 -28.27 14.04 11.89
CA MET B 141 -27.70 12.88 12.65
C MET B 141 -27.25 13.32 14.03
N MET B 142 -26.70 14.53 14.16
CA MET B 142 -25.99 14.96 15.39
C MET B 142 -26.44 16.36 15.81
N PRO B 143 -27.75 16.59 16.09
CA PRO B 143 -28.25 17.93 16.35
C PRO B 143 -27.61 18.66 17.55
N THR B 144 -27.30 17.96 18.65
CA THR B 144 -26.71 18.59 19.86
C THR B 144 -25.26 19.02 19.57
N ARG B 145 -24.47 18.22 18.85
CA ARG B 145 -23.10 18.62 18.37
C ARG B 145 -23.20 19.81 17.39
N PHE B 146 -24.11 19.80 16.45
CA PHE B 146 -24.35 20.97 15.53
C PHE B 146 -24.53 22.25 16.35
N GLU B 147 -25.45 22.23 17.31
CA GLU B 147 -25.79 23.40 18.15
C GLU B 147 -24.55 23.83 18.96
N ASP B 148 -23.83 22.88 19.56
CA ASP B 148 -22.64 23.15 20.40
C ASP B 148 -21.56 23.85 19.55
N LEU B 149 -21.30 23.34 18.33
CA LEU B 149 -20.28 23.97 17.44
C LEU B 149 -20.73 25.36 16.95
N MET B 150 -21.92 25.51 16.37
CA MET B 150 -22.29 26.76 15.67
C MET B 150 -22.39 27.90 16.68
N GLU B 151 -22.88 27.63 17.90
CA GLU B 151 -23.06 28.66 18.93
C GLU B 151 -21.67 29.18 19.37
N ASN B 152 -20.58 28.43 19.12
CA ASN B 152 -19.27 28.76 19.74
C ASN B 152 -18.18 29.01 18.69
N LEU B 153 -18.52 29.07 17.41
CA LEU B 153 -17.55 29.43 16.32
C LEU B 153 -17.06 30.85 16.55
N PRO B 154 -15.74 31.08 16.46
CA PRO B 154 -15.20 32.44 16.51
C PRO B 154 -15.51 33.22 15.23
N LEU B 155 -15.29 34.55 15.31
CA LEU B 155 -15.64 35.54 14.26
C LEU B 155 -17.03 35.25 13.70
N PRO B 156 -18.04 35.19 14.59
CA PRO B 156 -19.38 34.74 14.20
C PRO B 156 -20.07 35.61 13.12
N GLU B 157 -19.73 36.90 13.03
CA GLU B 157 -20.33 37.78 11.98
C GLU B 157 -19.87 37.26 10.61
N TYR B 158 -18.73 36.57 10.56
CA TYR B 158 -18.14 35.98 9.33
C TYR B 158 -18.59 34.52 9.14
N THR B 159 -18.73 33.75 10.21
CA THR B 159 -18.77 32.25 10.12
C THR B 159 -20.18 31.68 10.27
N LYS B 160 -21.08 32.32 11.02
CA LYS B 160 -22.49 31.82 11.19
C LYS B 160 -23.34 32.14 9.95
N ARG B 161 -24.35 31.30 9.66
N ARG B 161 -24.35 31.30 9.68
CA ARG B 161 -25.23 31.44 8.46
CA ARG B 161 -25.24 31.42 8.48
C ARG B 161 -25.85 32.84 8.42
C ARG B 161 -25.88 32.80 8.42
N ASP B 162 -26.35 33.34 9.55
CA ASP B 162 -27.03 34.66 9.62
C ASP B 162 -26.04 35.74 10.07
N GLY B 163 -24.73 35.50 10.00
CA GLY B 163 -23.71 36.52 10.30
C GLY B 163 -23.84 37.74 9.38
N ARG B 164 -23.62 38.93 9.93
CA ARG B 164 -23.71 40.23 9.21
C ARG B 164 -22.83 40.22 7.96
N LEU B 165 -21.63 39.64 8.03
CA LEU B 165 -20.65 39.67 6.92
C LEU B 165 -20.48 38.30 6.26
N ASN B 166 -21.35 37.31 6.50
CA ASN B 166 -21.35 36.04 5.74
C ASN B 166 -22.30 36.21 4.55
N LEU B 167 -21.79 36.14 3.33
CA LEU B 167 -22.61 36.33 2.10
C LEU B 167 -23.17 35.01 1.56
N ALA B 168 -22.83 33.87 2.15
CA ALA B 168 -23.14 32.54 1.54
C ALA B 168 -24.64 32.39 1.29
N SER B 169 -25.52 32.78 2.23
CA SER B 169 -26.97 32.52 2.05
C SER B 169 -27.61 33.50 1.05
N ARG B 170 -26.96 34.61 0.70
CA ARG B 170 -27.54 35.67 -0.16
C ARG B 170 -27.08 35.57 -1.62
N LEU B 171 -25.93 34.97 -1.93
CA LEU B 171 -25.35 34.99 -3.30
C LEU B 171 -25.86 33.86 -4.17
N PRO B 172 -25.98 34.14 -5.49
CA PRO B 172 -26.26 33.12 -6.50
C PRO B 172 -25.22 31.99 -6.59
N SER B 173 -25.61 30.89 -7.24
CA SER B 173 -24.81 29.64 -7.36
C SER B 173 -23.48 29.87 -8.11
N TYR B 174 -23.32 30.94 -8.88
CA TYR B 174 -22.04 31.23 -9.59
C TYR B 174 -21.01 31.82 -8.63
N PHE B 175 -21.36 32.05 -7.34
CA PHE B 175 -20.39 32.45 -6.28
C PHE B 175 -20.16 31.30 -5.29
N VAL B 176 -21.18 30.49 -5.00
CA VAL B 176 -21.17 29.58 -3.82
C VAL B 176 -22.23 28.48 -3.95
N ARG B 177 -21.87 27.25 -3.55
CA ARG B 177 -22.79 26.10 -3.42
C ARG B 177 -23.90 26.46 -2.42
N PRO B 178 -25.17 26.07 -2.67
CA PRO B 178 -26.27 26.36 -1.74
C PRO B 178 -26.22 25.53 -0.44
N ASP B 179 -26.80 26.08 0.62
CA ASP B 179 -27.08 25.38 1.91
C ASP B 179 -25.80 24.77 2.52
N LEU B 180 -24.82 25.61 2.92
CA LEU B 180 -23.53 25.15 3.53
C LEU B 180 -23.86 24.59 4.92
N GLY B 181 -23.24 23.46 5.28
CA GLY B 181 -23.36 22.82 6.61
C GLY B 181 -22.01 22.28 7.03
N PRO B 182 -21.77 22.03 8.33
CA PRO B 182 -20.45 21.64 8.80
C PRO B 182 -20.10 20.21 8.35
N LYS B 183 -18.80 19.94 8.25
CA LYS B 183 -18.23 18.62 7.84
C LYS B 183 -17.24 18.20 8.93
N MET B 184 -17.26 16.92 9.25
CA MET B 184 -16.44 16.31 10.32
C MET B 184 -15.27 15.58 9.65
N TYR B 185 -14.04 15.68 10.18
CA TYR B 185 -12.82 15.04 9.64
C TYR B 185 -12.11 14.27 10.76
N ASN B 186 -12.12 12.93 10.64
CA ASN B 186 -11.75 11.95 11.67
C ASN B 186 -10.66 11.03 11.08
N ALA B 187 -9.45 11.04 11.62
CA ALA B 187 -8.36 10.19 11.09
C ALA B 187 -7.34 9.94 12.19
N TYR B 188 -6.67 8.79 12.12
CA TYR B 188 -5.60 8.36 13.05
C TYR B 188 -4.37 9.27 12.80
N GLY B 189 -3.45 9.30 13.77
CA GLY B 189 -2.13 9.97 13.62
C GLY B 189 -1.17 9.16 12.76
N LEU B 190 -0.37 9.82 11.93
CA LEU B 190 0.77 9.19 11.21
C LEU B 190 1.90 8.89 12.22
N ILE B 191 2.69 7.83 11.99
CA ILE B 191 3.49 7.13 13.05
C ILE B 191 4.97 6.98 12.66
N THR B 192 5.28 6.48 11.46
CA THR B 192 6.65 6.04 11.10
C THR B 192 7.46 7.17 10.44
N ALA B 193 8.78 6.95 10.31
CA ALA B 193 9.70 7.83 9.57
C ALA B 193 9.23 7.92 8.11
N GLU B 194 8.78 6.83 7.51
CA GLU B 194 8.28 6.85 6.11
C GLU B 194 6.95 7.64 6.06
N ASP B 195 6.19 7.63 7.14
CA ASP B 195 4.91 8.38 7.29
C ASP B 195 5.13 9.92 7.23
N ARG B 196 6.32 10.42 7.54
CA ARG B 196 6.62 11.87 7.50
C ARG B 196 6.29 12.44 6.13
N ARG B 197 6.41 11.67 5.05
CA ARG B 197 6.20 12.14 3.66
C ARG B 197 4.75 11.90 3.21
N VAL B 198 3.84 11.51 4.12
CA VAL B 198 2.43 11.15 3.79
C VAL B 198 1.54 12.29 4.35
N GLY B 199 0.46 12.63 3.64
CA GLY B 199 -0.59 13.54 4.13
C GLY B 199 -1.77 12.77 4.68
N THR B 200 -2.42 13.27 5.74
CA THR B 200 -3.81 12.91 6.12
C THR B 200 -4.75 13.44 5.00
N THR B 201 -4.57 14.69 4.59
CA THR B 201 -5.30 15.35 3.46
C THR B 201 -4.26 15.92 2.50
N ASN B 202 -4.25 15.47 1.25
CA ASN B 202 -3.22 15.92 0.27
C ASN B 202 -3.49 17.38 -0.10
N LEU B 203 -2.47 18.00 -0.65
CA LEU B 203 -2.48 19.39 -1.14
C LEU B 203 -3.67 19.60 -2.10
N HIS B 204 -4.49 20.60 -1.79
CA HIS B 204 -5.71 20.94 -2.57
C HIS B 204 -6.11 22.40 -2.32
N LEU B 205 -7.11 22.91 -3.04
CA LEU B 205 -7.74 24.20 -2.63
C LEU B 205 -9.27 24.02 -2.57
N ASP B 206 -9.92 24.93 -1.84
CA ASP B 206 -11.40 24.95 -1.68
C ASP B 206 -11.92 26.23 -2.34
N VAL B 207 -13.14 26.19 -2.88
CA VAL B 207 -13.69 27.33 -3.67
C VAL B 207 -14.35 28.38 -2.75
N SER B 208 -14.51 28.12 -1.45
CA SER B 208 -15.06 29.12 -0.49
C SER B 208 -14.04 29.34 0.64
N ASP B 209 -14.26 30.37 1.44
CA ASP B 209 -13.56 30.52 2.75
C ASP B 209 -13.99 29.35 3.65
N ALA B 210 -13.18 29.01 4.67
CA ALA B 210 -13.50 27.99 5.67
C ALA B 210 -12.81 28.29 7.00
N VAL B 211 -13.40 27.77 8.07
CA VAL B 211 -12.80 27.70 9.43
C VAL B 211 -12.77 26.22 9.85
N ASN B 212 -11.64 25.75 10.36
CA ASN B 212 -11.46 24.31 10.77
C ASN B 212 -11.11 24.28 12.26
N VAL B 213 -11.97 23.68 13.06
CA VAL B 213 -11.79 23.60 14.56
C VAL B 213 -11.32 22.20 15.00
N MET B 214 -10.24 22.13 15.76
CA MET B 214 -9.76 20.89 16.41
C MET B 214 -10.56 20.67 17.70
N VAL B 215 -11.46 19.66 17.73
CA VAL B 215 -12.33 19.45 18.92
C VAL B 215 -11.85 18.31 19.83
N TYR B 216 -10.95 17.46 19.39
CA TYR B 216 -10.43 16.31 20.20
C TYR B 216 -9.08 15.89 19.66
N VAL B 217 -8.14 15.63 20.55
CA VAL B 217 -6.80 15.07 20.17
C VAL B 217 -6.53 13.84 21.05
N GLY B 218 -6.24 12.70 20.40
CA GLY B 218 -6.11 11.38 21.05
C GLY B 218 -4.68 10.91 21.00
N ILE B 219 -4.06 10.88 22.17
CA ILE B 219 -2.64 10.47 22.34
C ILE B 219 -2.62 9.02 22.88
N PRO B 220 -2.27 8.01 22.04
CA PRO B 220 -2.09 6.63 22.51
C PRO B 220 -0.85 6.49 23.42
N ILE B 221 -0.84 5.55 24.39
CA ILE B 221 0.38 5.15 25.17
C ILE B 221 0.89 3.80 24.62
N ALA B 225 5.26 6.57 25.11
CA ALA B 225 5.47 7.93 24.57
C ALA B 225 6.46 7.88 23.39
N HIS B 226 5.93 7.76 22.17
CA HIS B 226 6.69 7.78 20.89
C HIS B 226 6.60 9.20 20.30
N ASP B 227 6.71 10.21 21.18
CA ASP B 227 6.80 11.66 20.85
C ASP B 227 8.10 11.95 20.09
N GLU B 228 8.92 10.93 19.84
CA GLU B 228 10.26 11.05 19.20
C GLU B 228 10.09 11.48 17.75
N GLU B 229 9.35 10.69 16.98
CA GLU B 229 9.08 10.92 15.54
C GLU B 229 8.20 12.19 15.41
N VAL B 230 7.34 12.46 16.39
CA VAL B 230 6.42 13.62 16.35
C VAL B 230 7.25 14.91 16.47
N LEU B 231 8.18 15.01 17.44
CA LEU B 231 9.03 16.24 17.60
C LEU B 231 9.93 16.42 16.37
N LYS B 232 10.41 15.35 15.75
CA LYS B 232 11.20 15.46 14.51
C LYS B 232 10.30 15.92 13.35
N THR B 233 9.05 15.43 13.29
CA THR B 233 8.14 15.78 12.17
C THR B 233 7.86 17.29 12.22
N ILE B 234 7.68 17.80 13.43
CA ILE B 234 7.43 19.25 13.75
C ILE B 234 8.62 20.07 13.30
N ASP B 235 9.83 19.60 13.61
CA ASP B 235 11.07 20.36 13.33
C ASP B 235 11.30 20.42 11.81
N GLU B 236 11.38 19.27 11.16
CA GLU B 236 11.55 19.11 9.69
C GLU B 236 10.39 19.82 8.97
N GLY B 237 9.22 19.91 9.63
CA GLY B 237 8.01 20.55 9.09
C GLY B 237 8.14 22.07 9.04
N ASP B 238 9.12 22.65 9.77
CA ASP B 238 9.52 24.08 9.70
C ASP B 238 8.64 24.91 10.65
N ALA B 239 8.07 24.30 11.70
CA ALA B 239 7.41 25.03 12.82
C ALA B 239 8.40 26.00 13.47
N ASP B 240 7.89 27.12 14.01
CA ASP B 240 8.71 28.23 14.57
C ASP B 240 9.11 27.88 16.01
N GLU B 241 10.06 28.61 16.62
CA GLU B 241 10.67 28.17 17.90
C GLU B 241 9.63 28.29 19.02
N VAL B 242 8.73 29.26 18.95
CA VAL B 242 7.66 29.44 19.98
C VAL B 242 6.79 28.17 20.00
N THR B 243 6.33 27.71 18.84
CA THR B 243 5.53 26.46 18.66
C THR B 243 6.29 25.27 19.29
N LYS B 244 7.54 25.03 18.85
CA LYS B 244 8.43 23.90 19.25
C LYS B 244 8.61 23.86 20.77
N GLU B 245 9.18 24.91 21.35
CA GLU B 245 9.52 24.97 22.80
C GLU B 245 8.21 24.88 23.59
N ARG B 246 7.11 25.31 22.98
CA ARG B 246 5.76 25.34 23.61
C ARG B 246 5.20 23.93 23.84
N ILE B 247 5.56 22.93 23.04
CA ILE B 247 5.04 21.54 23.24
C ILE B 247 5.78 20.88 24.42
N HIS B 248 6.38 21.69 25.31
CA HIS B 248 6.86 21.30 26.68
C HIS B 248 6.80 22.44 27.72
N ASP B 249 6.63 23.72 27.32
CA ASP B 249 6.52 24.89 28.26
C ASP B 249 5.08 25.02 28.80
N HIS B 250 4.09 24.53 28.04
CA HIS B 250 2.81 24.00 28.54
C HIS B 250 2.82 22.48 28.26
N LYS B 251 1.74 21.77 28.59
CA LYS B 251 1.44 20.44 28.01
C LYS B 251 0.15 20.57 27.17
N GLU B 252 0.14 21.46 26.18
CA GLU B 252 -0.96 21.54 25.19
C GLU B 252 -0.79 20.32 24.27
N LYS B 253 -1.90 19.76 23.83
CA LYS B 253 -1.95 18.60 22.92
C LYS B 253 -1.86 19.07 21.48
N PRO B 254 -0.73 18.85 20.76
CA PRO B 254 -0.65 19.17 19.34
C PRO B 254 -1.36 18.11 18.48
N GLY B 255 -2.20 18.50 17.52
CA GLY B 255 -3.03 17.56 16.76
C GLY B 255 -2.52 17.34 15.34
N ALA B 256 -2.31 18.40 14.58
CA ALA B 256 -1.95 18.30 13.15
C ALA B 256 -0.99 19.39 12.71
N LEU B 257 -0.18 19.05 11.74
CA LEU B 257 0.73 19.96 11.02
C LEU B 257 0.13 20.30 9.66
N TRP B 258 -0.11 21.60 9.45
CA TRP B 258 -0.61 22.19 8.18
C TRP B 258 0.54 22.89 7.45
N HIS B 259 0.51 22.90 6.12
CA HIS B 259 1.22 23.89 5.30
C HIS B 259 0.17 24.58 4.43
N ILE B 260 0.08 25.91 4.52
CA ILE B 260 -0.88 26.73 3.76
C ILE B 260 -0.08 27.69 2.88
N TYR B 261 -0.52 27.88 1.65
CA TYR B 261 0.07 28.82 0.66
C TYR B 261 -0.96 29.89 0.29
N ALA B 262 -0.50 31.09 -0.05
CA ALA B 262 -1.36 32.18 -0.58
C ALA B 262 -2.06 31.78 -1.88
N ALA B 263 -3.34 32.15 -2.03
CA ALA B 263 -4.12 31.97 -3.28
C ALA B 263 -3.32 32.44 -4.50
N LYS B 264 -2.56 33.55 -4.39
CA LYS B 264 -1.85 34.12 -5.58
C LYS B 264 -0.65 33.24 -6.00
N ASP B 265 -0.21 32.26 -5.20
CA ASP B 265 0.97 31.40 -5.49
C ASP B 265 0.54 30.04 -6.03
N ALA B 266 -0.76 29.81 -6.27
CA ALA B 266 -1.24 28.49 -6.72
C ALA B 266 -0.58 28.12 -8.05
N GLU B 267 -0.45 29.05 -8.99
CA GLU B 267 -0.01 28.69 -10.37
C GLU B 267 1.47 28.34 -10.35
N LYS B 268 2.28 29.02 -9.52
CA LYS B 268 3.70 28.67 -9.29
C LYS B 268 3.78 27.26 -8.73
N ILE B 269 2.87 26.88 -7.82
CA ILE B 269 2.87 25.52 -7.24
C ILE B 269 2.52 24.52 -8.36
N ARG B 270 1.57 24.86 -9.24
CA ARG B 270 1.19 23.97 -10.37
C ARG B 270 2.40 23.79 -11.31
N GLU B 271 3.17 24.84 -11.58
CA GLU B 271 4.38 24.77 -12.47
C GLU B 271 5.34 23.73 -11.89
N LEU B 272 5.69 23.84 -10.60
CA LEU B 272 6.63 22.92 -9.93
C LEU B 272 6.15 21.47 -10.09
N LEU B 273 4.90 21.18 -9.74
CA LEU B 273 4.41 19.78 -9.70
C LEU B 273 4.17 19.19 -11.09
N ARG B 274 3.90 20.01 -12.12
CA ARG B 274 3.92 19.54 -13.55
C ARG B 274 5.31 19.01 -13.87
N LYS B 275 6.35 19.78 -13.53
CA LYS B 275 7.78 19.42 -13.77
C LYS B 275 8.09 18.11 -13.03
N VAL B 276 7.94 18.08 -11.71
CA VAL B 276 8.31 16.91 -10.86
C VAL B 276 7.57 15.66 -11.35
N GLY B 277 6.30 15.79 -11.72
CA GLY B 277 5.50 14.66 -12.26
C GLY B 277 6.12 14.12 -13.54
N GLU B 278 6.61 15.03 -14.41
CA GLU B 278 7.30 14.71 -15.69
C GLU B 278 8.60 13.98 -15.35
N GLU B 279 9.36 14.49 -14.37
CA GLU B 279 10.62 13.88 -13.86
C GLU B 279 10.36 12.48 -13.27
N GLN B 280 9.17 12.22 -12.75
CA GLN B 280 8.83 10.92 -12.09
C GLN B 280 8.13 9.98 -13.08
N GLY B 281 8.00 10.36 -14.35
CA GLY B 281 7.48 9.45 -15.39
C GLY B 281 6.11 9.84 -15.89
N GLN B 282 5.23 10.31 -15.00
CA GLN B 282 3.84 10.73 -15.34
C GLN B 282 3.82 11.39 -16.73
N GLU B 283 2.88 11.00 -17.58
CA GLU B 283 2.62 11.65 -18.90
C GLU B 283 1.28 12.38 -18.79
N ASN B 284 1.32 13.69 -18.50
CA ASN B 284 0.14 14.57 -18.30
C ASN B 284 0.16 15.65 -19.39
N PRO B 285 -0.99 16.18 -19.87
CA PRO B 285 -0.98 17.32 -20.79
C PRO B 285 -0.44 18.58 -20.11
N PRO B 286 -0.07 19.64 -20.87
CA PRO B 286 0.49 20.85 -20.26
C PRO B 286 -0.59 21.67 -19.52
N ASP B 287 -1.86 21.33 -19.77
CA ASP B 287 -3.11 21.81 -19.12
C ASP B 287 -3.16 21.37 -17.65
N HIS B 288 -2.54 20.23 -17.36
CA HIS B 288 -2.87 19.38 -16.20
C HIS B 288 -2.78 20.19 -14.89
N ASP B 289 -3.75 19.96 -13.99
CA ASP B 289 -3.82 20.72 -12.71
C ASP B 289 -3.52 19.78 -11.56
N PRO B 290 -2.27 19.73 -11.05
CA PRO B 290 -1.93 18.85 -9.94
C PRO B 290 -2.58 19.18 -8.58
N ILE B 291 -2.99 20.44 -8.37
CA ILE B 291 -3.73 20.87 -7.15
C ILE B 291 -5.14 20.27 -7.25
N HIS B 292 -5.82 20.40 -8.38
CA HIS B 292 -7.16 19.77 -8.62
C HIS B 292 -7.06 18.25 -8.43
N ASP B 293 -5.94 17.62 -8.80
CA ASP B 293 -5.77 16.15 -8.71
C ASP B 293 -5.72 15.65 -7.25
N GLN B 294 -5.33 16.48 -6.27
CA GLN B 294 -5.32 16.11 -4.83
C GLN B 294 -4.42 14.88 -4.64
N SER B 295 -3.34 14.74 -5.43
CA SER B 295 -2.47 13.54 -5.47
C SER B 295 -1.11 13.80 -4.81
N TRP B 296 -0.79 15.03 -4.39
CA TRP B 296 0.56 15.41 -3.90
C TRP B 296 0.55 15.73 -2.40
N TYR B 297 1.63 15.35 -1.71
CA TYR B 297 1.95 15.92 -0.38
C TYR B 297 3.36 16.53 -0.45
N LEU B 298 3.49 17.82 -0.15
CA LEU B 298 4.81 18.48 -0.27
C LEU B 298 5.65 18.10 0.97
N ASP B 299 6.61 17.20 0.75
CA ASP B 299 7.56 16.71 1.78
C ASP B 299 8.64 17.79 1.93
N GLN B 300 9.64 17.58 2.78
CA GLN B 300 10.66 18.64 3.02
C GLN B 300 11.39 18.94 1.71
N THR B 301 11.65 17.94 0.89
CA THR B 301 12.43 18.11 -0.37
C THR B 301 11.63 19.05 -1.28
N LEU B 302 10.36 18.73 -1.51
CA LEU B 302 9.50 19.51 -2.44
C LEU B 302 9.33 20.94 -1.91
N ARG B 303 9.07 21.13 -0.60
CA ARG B 303 8.89 22.48 0.01
C ARG B 303 10.16 23.32 -0.24
N LYS B 304 11.35 22.73 -0.04
CA LYS B 304 12.62 23.50 -0.15
C LYS B 304 12.77 23.95 -1.61
N ARG B 305 12.51 23.05 -2.54
CA ARG B 305 12.62 23.31 -4.00
C ARG B 305 11.60 24.37 -4.43
N LEU B 306 10.41 24.39 -3.79
CA LEU B 306 9.35 25.39 -4.09
C LEU B 306 9.88 26.78 -3.70
N TYR B 307 10.51 26.89 -2.55
CA TYR B 307 11.08 28.17 -2.07
C TYR B 307 12.23 28.63 -2.97
N GLU B 308 13.21 27.74 -3.17
N GLU B 308 13.19 27.74 -3.21
CA GLU B 308 14.45 27.98 -3.95
CA GLU B 308 14.45 28.07 -3.95
C GLU B 308 14.08 28.40 -5.38
C GLU B 308 14.13 28.40 -5.41
N GLU B 309 13.38 27.54 -6.11
CA GLU B 309 13.08 27.76 -7.55
C GLU B 309 12.07 28.89 -7.77
N TYR B 310 11.06 29.09 -6.91
CA TYR B 310 9.90 29.95 -7.27
C TYR B 310 9.68 31.10 -6.29
N GLY B 311 10.39 31.14 -5.16
CA GLY B 311 10.24 32.22 -4.15
C GLY B 311 9.03 32.04 -3.23
N VAL B 312 8.36 30.87 -3.25
CA VAL B 312 7.09 30.68 -2.49
C VAL B 312 7.40 30.03 -1.14
N GLN B 313 6.95 30.67 -0.06
CA GLN B 313 7.30 30.35 1.35
C GLN B 313 6.17 29.53 2.02
N GLY B 314 4.94 30.05 2.09
CA GLY B 314 3.85 29.38 2.83
C GLY B 314 4.00 29.41 4.35
N TRP B 315 2.97 28.95 5.08
CA TRP B 315 2.85 29.01 6.56
C TRP B 315 2.84 27.57 7.09
N ALA B 316 3.76 27.20 8.01
CA ALA B 316 3.78 25.89 8.72
C ALA B 316 3.08 26.08 10.07
N ILE B 317 1.88 25.51 10.23
CA ILE B 317 1.01 25.74 11.42
C ILE B 317 0.79 24.43 12.16
N VAL B 318 1.06 24.38 13.47
CA VAL B 318 0.60 23.28 14.34
C VAL B 318 -0.74 23.66 14.94
N GLN B 319 -1.79 22.87 14.65
CA GLN B 319 -3.14 23.07 15.24
C GLN B 319 -3.21 22.20 16.49
N PHE B 320 -3.36 22.83 17.66
CA PHE B 320 -3.55 22.16 18.96
C PHE B 320 -5.04 21.99 19.24
N LEU B 321 -5.37 21.24 20.29
CA LEU B 321 -6.77 21.14 20.79
C LEU B 321 -7.35 22.54 20.96
N GLY B 322 -8.52 22.78 20.35
CA GLY B 322 -9.28 24.04 20.44
C GLY B 322 -8.80 25.11 19.47
N ASP B 323 -7.80 24.86 18.64
CA ASP B 323 -7.32 25.85 17.63
C ASP B 323 -8.30 25.83 16.44
N ALA B 324 -8.80 27.01 16.06
CA ALA B 324 -9.56 27.25 14.83
C ALA B 324 -8.64 27.86 13.79
N VAL B 325 -8.47 27.19 12.64
CA VAL B 325 -7.67 27.68 11.50
C VAL B 325 -8.59 28.24 10.40
N PHE B 326 -8.40 29.52 10.07
CA PHE B 326 -9.15 30.22 9.00
C PHE B 326 -8.34 30.10 7.72
N ILE B 327 -8.98 29.58 6.67
CA ILE B 327 -8.32 29.30 5.35
C ILE B 327 -9.00 30.13 4.26
N PRO B 328 -8.28 31.09 3.63
CA PRO B 328 -8.83 31.90 2.53
C PRO B 328 -9.20 31.07 1.31
N ALA B 329 -10.35 31.38 0.71
CA ALA B 329 -10.75 30.74 -0.56
C ALA B 329 -9.54 30.68 -1.53
N GLY B 330 -9.26 29.51 -2.08
CA GLY B 330 -8.24 29.36 -3.14
C GLY B 330 -6.81 29.22 -2.61
N ALA B 331 -6.57 29.30 -1.28
CA ALA B 331 -5.24 29.09 -0.65
C ALA B 331 -4.96 27.58 -0.66
N PRO B 332 -3.98 27.08 -1.43
CA PRO B 332 -3.65 25.65 -1.38
C PRO B 332 -3.18 25.22 0.02
N HIS B 333 -3.57 24.02 0.45
CA HIS B 333 -3.19 23.53 1.78
C HIS B 333 -3.19 22.00 1.84
N GLN B 334 -2.39 21.50 2.78
CA GLN B 334 -2.23 20.05 3.08
C GLN B 334 -2.21 19.89 4.60
N VAL B 335 -2.61 18.72 5.10
CA VAL B 335 -2.70 18.42 6.55
C VAL B 335 -2.02 17.08 6.85
N HIS B 336 -1.22 17.02 7.93
CA HIS B 336 -0.52 15.79 8.41
C HIS B 336 -0.86 15.60 9.89
N ASN B 337 -1.72 14.61 10.23
CA ASN B 337 -2.07 14.36 11.65
C ASN B 337 -0.84 13.79 12.40
N LEU B 338 -0.51 14.41 13.53
CA LEU B 338 0.57 14.00 14.47
C LEU B 338 0.03 12.95 15.45
N TYR B 339 -1.21 13.12 15.91
CA TYR B 339 -1.97 12.16 16.75
C TYR B 339 -3.35 11.95 16.10
N SER B 340 -4.17 11.06 16.65
CA SER B 340 -5.57 10.89 16.20
C SER B 340 -6.35 12.19 16.48
N CYS B 341 -7.04 12.72 15.46
CA CYS B 341 -7.76 14.02 15.51
C CYS B 341 -9.24 13.91 15.10
N ILE B 342 -10.10 14.62 15.85
CA ILE B 342 -11.47 15.01 15.40
C ILE B 342 -11.46 16.51 15.08
N LYS B 343 -11.72 16.88 13.83
CA LYS B 343 -11.84 18.29 13.34
C LYS B 343 -13.26 18.51 12.82
N VAL B 344 -13.81 19.73 12.95
CA VAL B 344 -15.09 20.09 12.30
C VAL B 344 -14.85 21.43 11.60
N ALA B 345 -15.24 21.52 10.33
CA ALA B 345 -15.03 22.70 9.47
C ALA B 345 -16.37 23.21 8.92
N GLU B 346 -16.47 24.53 8.78
CA GLU B 346 -17.67 25.24 8.22
C GLU B 346 -17.18 26.15 7.10
N ASP B 347 -17.79 26.06 5.93
CA ASP B 347 -17.53 26.96 4.78
C ASP B 347 -18.34 28.26 4.97
N PHE B 348 -17.82 29.39 4.47
CA PHE B 348 -18.53 30.71 4.45
C PHE B 348 -18.01 31.56 3.28
N VAL B 349 -18.63 32.74 3.06
CA VAL B 349 -18.18 33.67 1.99
C VAL B 349 -18.02 35.08 2.57
N SER B 350 -16.77 35.50 2.72
CA SER B 350 -16.50 36.88 3.17
C SER B 350 -16.55 37.88 2.00
N PRO B 351 -16.94 39.13 2.28
CA PRO B 351 -16.89 40.20 1.26
C PRO B 351 -15.52 40.41 0.64
N GLU B 352 -14.47 40.28 1.46
CA GLU B 352 -13.06 40.49 1.09
C GLU B 352 -12.67 39.55 -0.04
N HIS B 353 -13.27 38.33 -0.12
CA HIS B 353 -12.84 37.25 -1.02
C HIS B 353 -13.93 36.90 -2.05
N VAL B 354 -14.96 37.73 -2.24
CA VAL B 354 -16.12 37.35 -3.12
C VAL B 354 -15.66 37.26 -4.57
N LYS B 355 -14.74 38.11 -4.99
CA LYS B 355 -14.23 38.04 -6.39
C LYS B 355 -13.50 36.70 -6.62
N HIS B 356 -12.68 36.26 -5.66
CA HIS B 356 -11.97 34.96 -5.68
C HIS B 356 -12.99 33.82 -5.80
N CYS B 357 -14.04 33.85 -4.98
CA CYS B 357 -15.07 32.78 -4.90
C CYS B 357 -15.76 32.62 -6.27
N PHE B 358 -15.98 33.72 -6.99
CA PHE B 358 -16.58 33.71 -8.36
C PHE B 358 -15.63 32.98 -9.32
N ARG B 359 -14.35 33.37 -9.32
CA ARG B 359 -13.33 32.81 -10.26
C ARG B 359 -13.12 31.31 -9.98
N LEU B 360 -12.96 30.94 -8.71
CA LEU B 360 -12.72 29.53 -8.31
C LEU B 360 -13.90 28.66 -8.70
N THR B 361 -15.12 29.19 -8.57
CA THR B 361 -16.35 28.44 -8.89
C THR B 361 -16.37 28.19 -10.42
N GLN B 362 -16.02 29.21 -11.20
CA GLN B 362 -15.90 29.14 -12.68
C GLN B 362 -14.87 28.02 -13.03
N GLU B 363 -13.69 28.07 -12.42
CA GLU B 363 -12.56 27.17 -12.75
C GLU B 363 -12.96 25.74 -12.31
N PHE B 364 -13.67 25.60 -11.18
CA PHE B 364 -14.13 24.28 -10.72
C PHE B 364 -15.06 23.69 -11.79
N ARG B 365 -16.05 24.45 -12.27
CA ARG B 365 -17.00 23.99 -13.32
C ARG B 365 -16.25 23.58 -14.59
N HIS B 366 -15.24 24.36 -15.01
CA HIS B 366 -14.42 24.04 -16.23
C HIS B 366 -13.65 22.72 -16.03
N LEU B 367 -12.98 22.54 -14.88
CA LEU B 367 -12.20 21.33 -14.55
C LEU B 367 -13.12 20.11 -14.46
N SER B 368 -14.42 20.31 -14.19
CA SER B 368 -15.40 19.21 -14.00
C SER B 368 -15.70 18.48 -15.31
N ASN B 369 -15.90 19.20 -16.42
CA ASN B 369 -16.33 18.61 -17.73
C ASN B 369 -15.43 19.15 -18.85
#